data_9O35
#
_entry.id   9O35
#
_cell.length_a   101.773
_cell.length_b   108.956
_cell.length_c   181.980
_cell.angle_alpha   90.00
_cell.angle_beta   90.00
_cell.angle_gamma   90.00
#
_symmetry.space_group_name_H-M   'C 2 2 21'
#
loop_
_entity.id
_entity.type
_entity.pdbx_description
1 polymer 'Cytochrome P-450 monooxygenase DoxA'
2 non-polymer 'PROTOPORPHYRIN IX CONTAINING FE'
3 non-polymer DAUNOMYCIN
4 non-polymer 'SULFATE ION'
5 water water
#
_entity_poly.entity_id   1
_entity_poly.type   'polypeptide(L)'
_entity_poly.pdbx_seq_one_letter_code
;GASMSGEAPRVAVDPFACPMMTMQRKPEVHDAFREAGPVVEVNAPAGGPAWVITDDALAREVLADPRFVKDPDLAPAAWR
GVDDGLDIPVPELRPFTLIAVDGEAHRRLRRIHAPAFNPRRLAERTDRIAAIAGRLLTELADASGRSGKPAELIGGFAYH
FPLLVICELLGVPVTDPAMAREAVSVLKALGLGGPQSGGGDGTDPAGGVPDTSALESLLLEAVHSARRNDTPTMTRVLYE
RAQAEFGSVSDDQLVYMITGLIFAGHDTTGSFLGFLLAEVLAGRLAADADEDAVSRFVEEALRYHPPVPYTLWRFAATEV
TIGGVRLPRGAPVLVDIEGTNTDGRHHDAPHAFHPDRPSWRRLTFGDGPHYCIGEQLAQLESRTMIGVLRSRFPEARLAV
PYDELRWCRKGAQTARLTELPVWLR
;
_entity_poly.pdbx_strand_id   A,B
#
loop_
_chem_comp.id
_chem_comp.type
_chem_comp.name
_chem_comp.formula
DM1 non-polymer DAUNOMYCIN 'C27 H29 N O10'
HEM non-polymer 'PROTOPORPHYRIN IX CONTAINING FE' 'C34 H32 Fe N4 O4'
SO4 non-polymer 'SULFATE ION' 'O4 S -2'
#
# COMPACT_ATOMS: atom_id res chain seq x y z
N PRO A 9 -2.92 49.09 6.96
CA PRO A 9 -3.13 48.20 8.10
C PRO A 9 -2.00 47.19 8.21
N ARG A 10 -1.47 47.01 9.42
CA ARG A 10 -0.25 46.25 9.63
C ARG A 10 -0.46 45.23 10.74
N VAL A 11 0.09 44.04 10.56
CA VAL A 11 0.11 43.00 11.58
C VAL A 11 1.56 42.54 11.69
N ALA A 12 2.21 42.91 12.79
CA ALA A 12 3.66 42.80 12.93
C ALA A 12 4.05 41.36 13.25
N VAL A 13 3.88 40.49 12.25
CA VAL A 13 4.19 39.07 12.36
C VAL A 13 4.85 38.58 11.08
N ASP A 14 5.56 37.47 11.22
CA ASP A 14 6.05 36.68 10.08
C ASP A 14 4.91 35.84 9.51
N PRO A 15 4.50 36.05 8.24
CA PRO A 15 3.32 35.33 7.73
C PRO A 15 3.55 33.84 7.59
N PHE A 16 4.81 33.39 7.54
CA PHE A 16 5.19 31.98 7.51
C PHE A 16 5.25 31.35 8.90
N ALA A 17 4.74 32.02 9.93
CA ALA A 17 4.76 31.47 11.28
C ALA A 17 3.80 30.28 11.37
N CYS A 18 4.27 29.18 11.92
CA CYS A 18 3.46 27.98 11.91
C CYS A 18 3.82 27.03 13.05
N PRO A 19 2.98 26.91 14.06
CA PRO A 19 3.21 25.89 15.10
C PRO A 19 2.72 24.53 14.61
N MET A 20 2.97 23.50 15.41
CA MET A 20 2.43 22.18 15.09
C MET A 20 0.92 22.26 14.98
N MET A 21 0.36 21.71 13.89
CA MET A 21 -1.05 21.81 13.57
C MET A 21 -1.75 20.45 13.62
N THR A 22 -3.03 20.46 13.95
CA THR A 22 -3.89 19.30 13.74
C THR A 22 -4.42 19.29 12.30
N MET A 23 -5.01 18.15 11.91
CA MET A 23 -5.58 18.04 10.58
C MET A 23 -6.63 19.11 10.30
N GLN A 24 -7.39 19.54 11.31
CA GLN A 24 -8.51 20.45 11.07
C GLN A 24 -8.13 21.93 11.06
N ARG A 25 -7.07 22.33 11.76
CA ARG A 25 -6.81 23.74 11.95
C ARG A 25 -5.82 24.30 10.93
N LYS A 26 -5.94 25.60 10.69
CA LYS A 26 -4.98 26.40 9.95
C LYS A 26 -4.41 27.47 10.87
N PRO A 27 -3.16 27.89 10.65
CA PRO A 27 -2.54 28.88 11.55
C PRO A 27 -3.37 30.16 11.65
N GLU A 28 -3.26 30.80 12.82
CA GLU A 28 -4.11 31.93 13.18
C GLU A 28 -3.78 33.21 12.44
N VAL A 29 -2.55 33.36 11.95
CA VAL A 29 -2.19 34.58 11.23
C VAL A 29 -3.15 34.81 10.05
N HIS A 30 -3.71 33.74 9.48
CA HIS A 30 -4.60 33.91 8.34
C HIS A 30 -5.85 34.72 8.72
N ASP A 31 -6.43 34.43 9.88
CA ASP A 31 -7.58 35.21 10.34
C ASP A 31 -7.17 36.63 10.70
N ALA A 32 -6.04 36.76 11.39
CA ALA A 32 -5.52 38.09 11.75
C ALA A 32 -5.33 38.95 10.51
N PHE A 33 -4.67 38.40 9.49
CA PHE A 33 -4.51 39.12 8.22
C PHE A 33 -5.86 39.51 7.64
N ARG A 34 -6.78 38.55 7.57
CA ARG A 34 -8.02 38.77 6.82
C ARG A 34 -8.90 39.81 7.51
N GLU A 35 -8.89 39.82 8.83
CA GLU A 35 -9.66 40.82 9.56
C GLU A 35 -9.05 42.22 9.39
N ALA A 36 -7.73 42.31 9.28
CA ALA A 36 -7.09 43.60 9.06
C ALA A 36 -7.49 44.21 7.71
N GLY A 37 -7.72 43.39 6.69
CA GLY A 37 -8.14 43.92 5.40
C GLY A 37 -7.61 43.15 4.20
N PRO A 38 -7.93 43.64 3.00
CA PRO A 38 -7.54 42.91 1.78
C PRO A 38 -6.05 42.94 1.46
N VAL A 39 -5.32 43.97 1.92
CA VAL A 39 -3.90 44.13 1.65
C VAL A 39 -3.25 44.53 2.96
N VAL A 40 -2.40 43.67 3.50
CA VAL A 40 -1.90 43.83 4.86
C VAL A 40 -0.38 43.88 4.82
N GLU A 41 0.18 44.83 5.56
CA GLU A 41 1.62 44.88 5.76
C GLU A 41 2.02 43.97 6.91
N VAL A 42 3.16 43.28 6.75
CA VAL A 42 3.66 42.31 7.70
C VAL A 42 5.18 42.43 7.77
N ASN A 43 5.79 41.67 8.68
CA ASN A 43 7.25 41.60 8.80
C ASN A 43 7.75 40.48 7.87
N ALA A 44 8.40 40.87 6.76
CA ALA A 44 9.02 39.86 5.91
C ALA A 44 10.07 39.09 6.71
N PRO A 45 10.24 37.79 6.48
CA PRO A 45 11.18 37.02 7.31
C PRO A 45 12.60 37.53 7.25
N ALA A 46 13.07 37.96 6.08
CA ALA A 46 14.47 38.35 5.92
C ALA A 46 14.70 39.84 6.13
N GLY A 47 13.68 40.58 6.58
CA GLY A 47 13.87 41.98 6.87
C GLY A 47 13.05 42.89 6.00
N GLY A 48 12.54 43.97 6.59
CA GLY A 48 11.75 44.93 5.87
C GLY A 48 10.27 44.60 5.89
N PRO A 49 9.48 45.42 5.20
CA PRO A 49 8.05 45.14 5.10
C PRO A 49 7.77 44.14 4.00
N ALA A 50 6.54 43.63 4.02
CA ALA A 50 5.97 42.85 2.93
C ALA A 50 4.46 42.98 3.04
N TRP A 51 3.76 42.64 1.95
CA TRP A 51 2.31 42.80 1.89
C TRP A 51 1.64 41.50 1.47
N VAL A 52 0.58 41.13 2.19
CA VAL A 52 -0.19 39.91 1.95
C VAL A 52 -1.55 40.28 1.38
N ILE A 53 -1.97 39.58 0.32
CA ILE A 53 -3.30 39.74 -0.26
C ILE A 53 -4.18 38.63 0.28
N THR A 54 -5.30 39.01 0.91
CA THR A 54 -6.15 38.10 1.67
C THR A 54 -7.51 37.88 1.04
N ASP A 55 -7.76 38.44 -0.13
CA ASP A 55 -9.04 38.29 -0.80
C ASP A 55 -8.83 37.64 -2.16
N ASP A 56 -9.69 36.67 -2.50
CA ASP A 56 -9.51 35.83 -3.68
C ASP A 56 -9.59 36.64 -4.96
N ALA A 57 -10.60 37.50 -5.08
CA ALA A 57 -10.76 38.25 -6.33
C ALA A 57 -9.59 39.22 -6.56
N LEU A 58 -9.16 39.92 -5.51
CA LEU A 58 -8.04 40.82 -5.66
C LEU A 58 -6.74 40.06 -5.89
N ALA A 59 -6.61 38.88 -5.29
CA ALA A 59 -5.45 38.04 -5.56
C ALA A 59 -5.36 37.69 -7.03
N ARG A 60 -6.48 37.35 -7.66
CA ARG A 60 -6.45 36.98 -9.07
C ARG A 60 -6.13 38.17 -9.96
N GLU A 61 -6.46 39.39 -9.50
CA GLU A 61 -6.06 40.59 -10.24
C GLU A 61 -4.55 40.80 -10.14
N VAL A 62 -4.01 40.70 -8.93
CA VAL A 62 -2.58 40.88 -8.72
C VAL A 62 -1.78 39.89 -9.57
N LEU A 63 -2.20 38.62 -9.59
CA LEU A 63 -1.42 37.61 -10.30
C LEU A 63 -1.49 37.77 -11.82
N ALA A 64 -2.48 38.52 -12.33
CA ALA A 64 -2.61 38.77 -13.75
C ALA A 64 -2.10 40.15 -14.16
N ASP A 65 -1.66 40.97 -13.21
CA ASP A 65 -1.17 42.32 -13.46
C ASP A 65 0.31 42.28 -13.84
N PRO A 66 0.70 42.72 -15.04
CA PRO A 66 2.13 42.69 -15.40
C PRO A 66 3.03 43.52 -14.51
N ARG A 67 2.49 44.34 -13.62
CA ARG A 67 3.36 45.19 -12.79
C ARG A 67 3.91 44.47 -11.57
N PHE A 68 3.39 43.28 -11.24
CA PHE A 68 3.93 42.47 -10.17
C PHE A 68 4.77 41.36 -10.82
N VAL A 69 6.08 41.49 -10.69
CA VAL A 69 7.03 40.68 -11.45
C VAL A 69 7.77 39.77 -10.49
N LYS A 70 8.30 38.67 -11.05
CA LYS A 70 9.07 37.72 -10.26
C LYS A 70 10.50 38.19 -10.03
N ASP A 71 11.06 39.00 -10.95
CA ASP A 71 12.44 39.48 -10.99
C ASP A 71 13.08 39.54 -9.61
N PRO A 72 13.97 38.59 -9.28
CA PRO A 72 14.51 38.54 -7.91
C PRO A 72 15.60 39.56 -7.65
N ASP A 73 16.16 40.19 -8.69
CA ASP A 73 17.06 41.32 -8.46
C ASP A 73 16.35 42.47 -7.75
N LEU A 74 15.02 42.55 -7.82
CA LEU A 74 14.26 43.58 -7.11
C LEU A 74 14.09 43.28 -5.63
N ALA A 75 14.45 42.09 -5.18
CA ALA A 75 14.36 41.78 -3.76
C ALA A 75 15.34 42.65 -2.98
N PRO A 76 15.01 43.01 -1.73
CA PRO A 76 15.96 43.77 -0.91
C PRO A 76 17.31 43.10 -0.82
N ALA A 77 18.36 43.92 -0.75
CA ALA A 77 19.74 43.41 -0.75
C ALA A 77 19.96 42.41 0.37
N ALA A 78 19.43 42.69 1.56
CA ALA A 78 19.68 41.85 2.73
C ALA A 78 19.25 40.39 2.50
N TRP A 79 18.17 40.17 1.73
CA TRP A 79 17.63 38.82 1.59
C TRP A 79 18.59 37.83 0.94
N ARG A 80 19.58 38.31 0.18
CA ARG A 80 20.40 37.41 -0.64
C ARG A 80 21.26 36.53 0.26
N GLY A 81 21.11 35.22 0.11
CA GLY A 81 21.74 34.27 1.00
C GLY A 81 21.09 34.13 2.36
N VAL A 82 20.03 34.89 2.62
CA VAL A 82 19.34 34.88 3.92
C VAL A 82 17.93 34.33 3.80
N ASP A 83 17.09 34.96 2.98
CA ASP A 83 15.68 34.59 2.91
C ASP A 83 15.53 33.12 2.52
N ASP A 84 14.63 32.43 3.22
CA ASP A 84 14.44 31.01 2.97
C ASP A 84 13.91 30.77 1.56
N GLY A 85 13.04 31.66 1.07
CA GLY A 85 12.36 31.39 -0.17
C GLY A 85 12.73 32.26 -1.35
N LEU A 86 13.90 32.91 -1.32
CA LEU A 86 14.32 33.74 -2.46
C LEU A 86 14.86 32.83 -3.56
N ASP A 87 14.17 32.79 -4.70
CA ASP A 87 14.59 31.99 -5.85
C ASP A 87 15.47 32.84 -6.75
N ILE A 88 16.80 32.70 -6.65
CA ILE A 88 17.68 33.55 -7.45
C ILE A 88 18.78 32.75 -8.16
N PRO A 89 18.54 32.31 -9.38
CA PRO A 89 19.60 31.65 -10.16
C PRO A 89 20.65 32.65 -10.59
N VAL A 90 21.80 32.14 -11.03
CA VAL A 90 22.81 33.00 -11.66
C VAL A 90 22.19 33.61 -12.90
N PRO A 91 22.56 34.84 -13.27
CA PRO A 91 21.81 35.53 -14.35
C PRO A 91 21.82 34.77 -15.66
N GLU A 92 22.81 33.93 -15.91
CA GLU A 92 22.84 33.21 -17.19
C GLU A 92 21.86 32.05 -17.22
N LEU A 93 21.38 31.58 -16.07
CA LEU A 93 20.38 30.53 -16.07
C LEU A 93 18.96 31.03 -15.86
N ARG A 94 18.78 32.32 -15.55
CA ARG A 94 17.42 32.84 -15.39
C ARG A 94 16.56 32.66 -16.62
N PRO A 95 17.07 32.82 -17.86
CA PRO A 95 16.20 32.61 -19.02
C PRO A 95 15.70 31.18 -19.14
N PHE A 96 16.28 30.25 -18.39
CA PHE A 96 15.86 28.86 -18.40
C PHE A 96 15.13 28.47 -17.14
N THR A 97 14.73 29.41 -16.29
CA THR A 97 13.95 29.03 -15.10
C THR A 97 12.60 29.73 -15.10
N LEU A 98 11.54 28.91 -15.26
CA LEU A 98 10.18 29.40 -15.36
C LEU A 98 9.83 30.40 -14.28
N ILE A 99 10.30 30.20 -13.05
CA ILE A 99 9.82 31.02 -11.94
C ILE A 99 10.55 32.35 -11.80
N ALA A 100 11.60 32.60 -12.59
CA ALA A 100 12.39 33.81 -12.45
C ALA A 100 12.11 34.87 -13.52
N VAL A 101 11.28 34.59 -14.52
CA VAL A 101 11.06 35.53 -15.62
C VAL A 101 9.57 35.82 -15.81
N ASP A 102 9.30 36.88 -16.56
CA ASP A 102 7.95 37.24 -16.94
C ASP A 102 7.97 37.65 -18.40
N GLY A 103 6.80 37.90 -18.97
CA GLY A 103 6.75 38.46 -20.31
C GLY A 103 7.21 37.46 -21.35
N GLU A 104 7.87 37.98 -22.39
CA GLU A 104 8.19 37.13 -23.55
C GLU A 104 9.12 35.99 -23.17
N ALA A 105 10.13 36.26 -22.34
CA ALA A 105 11.03 35.18 -21.95
C ALA A 105 10.27 34.07 -21.24
N HIS A 106 9.22 34.44 -20.49
CA HIS A 106 8.41 33.45 -19.77
C HIS A 106 7.50 32.68 -20.71
N ARG A 107 6.83 33.37 -21.65
CA ARG A 107 5.99 32.64 -22.61
C ARG A 107 6.81 31.65 -23.42
N ARG A 108 8.09 31.98 -23.67
CA ARG A 108 8.98 31.05 -24.36
C ARG A 108 9.09 29.73 -23.58
N LEU A 109 9.40 29.83 -22.29
CA LEU A 109 9.49 28.63 -21.45
C LEU A 109 8.13 27.93 -21.34
N ARG A 110 7.04 28.70 -21.27
CA ARG A 110 5.71 28.07 -21.20
C ARG A 110 5.42 27.27 -22.47
N ARG A 111 5.78 27.81 -23.64
CA ARG A 111 5.54 27.09 -24.89
C ARG A 111 6.36 25.81 -24.96
N ILE A 112 7.57 25.82 -24.37
CA ILE A 112 8.40 24.63 -24.35
C ILE A 112 7.83 23.58 -23.41
N HIS A 113 7.32 24.01 -22.25
CA HIS A 113 6.94 23.05 -21.21
C HIS A 113 5.56 22.46 -21.38
N ALA A 114 4.61 23.21 -21.94
CA ALA A 114 3.22 22.73 -21.97
C ALA A 114 3.05 21.40 -22.73
N PRO A 115 3.64 21.20 -23.91
CA PRO A 115 3.47 19.91 -24.59
C PRO A 115 4.07 18.75 -23.82
N ALA A 116 4.97 19.01 -22.86
CA ALA A 116 5.45 17.94 -22.00
C ALA A 116 4.39 17.42 -21.06
N PHE A 117 3.32 18.18 -20.82
CA PHE A 117 2.26 17.76 -19.91
C PHE A 117 0.94 17.53 -20.65
N ASN A 118 1.05 17.19 -21.93
CA ASN A 118 -0.04 16.80 -22.80
C ASN A 118 -0.87 15.71 -22.14
N PRO A 119 -2.18 15.91 -21.98
CA PRO A 119 -2.99 14.89 -21.27
C PRO A 119 -2.99 13.53 -21.95
N ARG A 120 -2.95 13.45 -23.29
CA ARG A 120 -2.92 12.13 -23.92
C ARG A 120 -1.57 11.43 -23.68
N ARG A 121 -0.45 12.13 -23.88
CA ARG A 121 0.85 11.52 -23.62
C ARG A 121 0.94 11.06 -22.16
N LEU A 122 0.45 11.88 -21.22
CA LEU A 122 0.46 11.47 -19.82
C LEU A 122 -0.42 10.25 -19.57
N ALA A 123 -1.64 10.22 -20.15
CA ALA A 123 -2.54 9.11 -19.93
C ALA A 123 -1.98 7.78 -20.47
N GLU A 124 -1.18 7.84 -21.53
CA GLU A 124 -0.51 6.64 -22.03
C GLU A 124 0.38 5.98 -20.98
N ARG A 125 0.74 6.70 -19.91
CA ARG A 125 1.61 6.17 -18.87
C ARG A 125 0.84 5.75 -17.64
N THR A 126 -0.49 5.70 -17.72
CA THR A 126 -1.31 5.43 -16.54
C THR A 126 -0.96 4.08 -15.92
N ASP A 127 -0.94 3.02 -16.73
CA ASP A 127 -0.65 1.69 -16.21
C ASP A 127 0.71 1.66 -15.53
N ARG A 128 1.72 2.24 -16.18
CA ARG A 128 3.02 2.32 -15.56
C ARG A 128 2.96 3.07 -14.22
N ILE A 129 2.14 4.12 -14.14
CA ILE A 129 2.06 4.86 -12.87
C ILE A 129 1.40 3.99 -11.80
N ALA A 130 0.34 3.25 -12.18
CA ALA A 130 -0.29 2.32 -11.24
C ALA A 130 0.63 1.18 -10.83
N ALA A 131 1.48 0.71 -11.74
CA ALA A 131 2.45 -0.33 -11.37
C ALA A 131 3.46 0.17 -10.35
N ILE A 132 3.97 1.38 -10.54
CA ILE A 132 4.93 1.91 -9.56
C ILE A 132 4.27 2.02 -8.19
N ALA A 133 3.07 2.58 -8.13
CA ALA A 133 2.34 2.68 -6.86
C ALA A 133 2.09 1.30 -6.26
N GLY A 134 1.63 0.36 -7.10
CA GLY A 134 1.33 -0.99 -6.62
C GLY A 134 2.55 -1.67 -5.99
N ARG A 135 3.69 -1.60 -6.66
CA ARG A 135 4.90 -2.20 -6.12
C ARG A 135 5.28 -1.57 -4.78
N LEU A 136 5.31 -0.23 -4.72
CA LEU A 136 5.69 0.44 -3.49
C LEU A 136 4.79 0.04 -2.33
N LEU A 137 3.48 0.01 -2.57
CA LEU A 137 2.54 -0.33 -1.51
C LEU A 137 2.64 -1.80 -1.10
N THR A 138 2.86 -2.70 -2.07
CA THR A 138 2.96 -4.12 -1.74
C THR A 138 4.16 -4.40 -0.84
N GLU A 139 5.33 -3.84 -1.18
CA GLU A 139 6.50 -4.07 -0.34
C GLU A 139 6.33 -3.45 1.05
N LEU A 140 5.61 -2.33 1.14
CA LEU A 140 5.35 -1.75 2.47
C LEU A 140 4.45 -2.66 3.29
N ALA A 141 3.40 -3.22 2.68
CA ALA A 141 2.52 -4.16 3.38
C ALA A 141 3.29 -5.40 3.83
N ASP A 142 4.03 -6.03 2.91
CA ASP A 142 4.86 -7.17 3.27
C ASP A 142 5.84 -6.84 4.40
N ALA A 143 6.46 -5.66 4.34
CA ALA A 143 7.33 -5.28 5.44
C ALA A 143 6.57 -5.26 6.76
N SER A 144 5.29 -4.86 6.74
CA SER A 144 4.46 -4.93 7.95
C SER A 144 4.10 -6.36 8.32
N GLY A 145 3.87 -7.21 7.32
CA GLY A 145 3.73 -8.62 7.60
C GLY A 145 4.92 -9.17 8.39
N ARG A 146 6.13 -8.76 8.00
CA ARG A 146 7.33 -9.31 8.62
C ARG A 146 7.55 -8.76 10.03
N SER A 147 7.28 -7.46 10.23
CA SER A 147 7.69 -6.79 11.44
C SER A 147 6.60 -6.72 12.50
N GLY A 148 5.35 -6.94 12.14
CA GLY A 148 4.25 -6.64 13.04
C GLY A 148 4.03 -5.15 13.31
N LYS A 149 4.70 -4.27 12.59
CA LYS A 149 4.58 -2.83 12.81
C LYS A 149 3.81 -2.16 11.67
N PRO A 150 3.21 -1.00 11.91
CA PRO A 150 2.54 -0.27 10.82
C PRO A 150 3.54 0.23 9.77
N ALA A 151 3.02 0.45 8.57
CA ALA A 151 3.78 1.12 7.52
C ALA A 151 3.71 2.63 7.70
N GLU A 152 4.84 3.30 7.48
CA GLU A 152 4.92 4.76 7.61
C GLU A 152 4.93 5.35 6.20
N LEU A 153 3.78 5.86 5.77
CA LEU A 153 3.58 6.21 4.36
C LEU A 153 4.29 7.49 3.95
N ILE A 154 4.57 8.41 4.88
CA ILE A 154 5.30 9.63 4.49
C ILE A 154 6.70 9.26 4.04
N GLY A 155 7.48 8.61 4.92
CA GLY A 155 8.83 8.20 4.57
C GLY A 155 8.86 7.12 3.50
N GLY A 156 7.80 6.32 3.40
CA GLY A 156 7.84 5.14 2.53
C GLY A 156 7.11 5.23 1.22
N PHE A 157 6.26 6.25 1.03
CA PHE A 157 5.46 6.30 -0.20
C PHE A 157 5.30 7.69 -0.79
N ALA A 158 5.02 8.67 0.07
CA ALA A 158 4.49 9.96 -0.36
C ALA A 158 5.43 10.67 -1.33
N TYR A 159 6.73 10.67 -1.06
CA TYR A 159 7.71 11.28 -1.95
C TYR A 159 8.29 10.32 -2.97
N HIS A 160 8.55 9.06 -2.56
CA HIS A 160 9.06 8.04 -3.46
C HIS A 160 8.23 7.92 -4.73
N PHE A 161 6.90 7.83 -4.58
CA PHE A 161 6.03 7.55 -5.72
C PHE A 161 6.10 8.64 -6.79
N PRO A 162 5.82 9.92 -6.49
CA PRO A 162 5.94 10.94 -7.55
C PRO A 162 7.35 11.13 -8.06
N LEU A 163 8.35 10.85 -7.23
CA LEU A 163 9.72 10.97 -7.71
C LEU A 163 10.02 9.89 -8.75
N LEU A 164 9.59 8.66 -8.47
CA LEU A 164 9.79 7.58 -9.44
C LEU A 164 9.00 7.84 -10.71
N VAL A 165 7.81 8.43 -10.59
CA VAL A 165 7.02 8.70 -11.79
C VAL A 165 7.72 9.75 -12.66
N ILE A 166 8.05 10.91 -12.09
CA ILE A 166 8.61 11.98 -12.93
C ILE A 166 9.95 11.53 -13.55
N CYS A 167 10.76 10.78 -12.80
CA CYS A 167 12.03 10.32 -13.36
C CYS A 167 11.78 9.38 -14.52
N GLU A 168 10.84 8.45 -14.38
CA GLU A 168 10.53 7.57 -15.49
C GLU A 168 9.97 8.34 -16.69
N LEU A 169 9.18 9.38 -16.44
CA LEU A 169 8.66 10.14 -17.59
C LEU A 169 9.78 10.86 -18.32
N LEU A 170 10.75 11.40 -17.59
CA LEU A 170 11.90 12.04 -18.22
C LEU A 170 12.93 11.06 -18.78
N GLY A 171 12.75 9.77 -18.57
CA GLY A 171 13.74 8.80 -18.99
C GLY A 171 14.99 8.73 -18.15
N VAL A 172 14.90 9.08 -16.87
CA VAL A 172 16.02 8.97 -15.92
C VAL A 172 15.78 7.76 -15.03
N PRO A 173 16.45 6.63 -15.27
CA PRO A 173 16.17 5.41 -14.50
C PRO A 173 16.76 5.48 -13.09
N VAL A 174 15.87 5.62 -12.08
CA VAL A 174 16.28 5.83 -10.69
C VAL A 174 16.21 4.51 -9.93
N THR A 175 17.21 4.26 -9.09
CA THR A 175 17.29 3.02 -8.35
C THR A 175 17.07 3.19 -6.85
N ASP A 176 17.41 4.34 -6.29
CA ASP A 176 17.30 4.61 -4.86
C ASP A 176 16.51 5.89 -4.67
N PRO A 177 15.20 5.79 -4.41
CA PRO A 177 14.38 7.02 -4.30
C PRO A 177 14.82 7.95 -3.20
N ALA A 178 15.11 7.45 -2.00
CA ALA A 178 15.56 8.32 -0.92
C ALA A 178 16.83 9.08 -1.32
N MET A 179 17.81 8.37 -1.89
CA MET A 179 19.05 9.02 -2.28
C MET A 179 18.85 9.98 -3.44
N ALA A 180 17.94 9.67 -4.34
CA ALA A 180 17.65 10.60 -5.44
C ALA A 180 16.95 11.86 -4.93
N ARG A 181 16.09 11.74 -3.91
CA ARG A 181 15.46 12.92 -3.33
C ARG A 181 16.49 13.84 -2.69
N GLU A 182 17.39 13.26 -1.89
CA GLU A 182 18.47 14.04 -1.30
C GLU A 182 19.29 14.73 -2.38
N ALA A 183 19.67 13.99 -3.43
CA ALA A 183 20.60 14.50 -4.43
C ALA A 183 19.99 15.63 -5.24
N VAL A 184 18.70 15.54 -5.57
CA VAL A 184 18.07 16.58 -6.37
C VAL A 184 17.80 17.85 -5.55
N SER A 185 17.67 17.71 -4.22
CA SER A 185 17.50 18.89 -3.36
C SER A 185 18.77 19.71 -3.29
N VAL A 186 19.94 19.06 -3.32
CA VAL A 186 21.21 19.79 -3.37
C VAL A 186 21.30 20.61 -4.67
N LEU A 187 21.17 19.93 -5.82
CA LEU A 187 21.20 20.61 -7.12
C LEU A 187 20.17 21.73 -7.23
N LYS A 188 18.95 21.48 -6.74
CA LYS A 188 17.91 22.51 -6.78
C LYS A 188 18.31 23.73 -5.97
N ALA A 189 18.91 23.53 -4.80
CA ALA A 189 19.30 24.66 -3.95
C ALA A 189 20.49 25.42 -4.55
N LEU A 190 21.39 24.73 -5.24
CA LEU A 190 22.45 25.40 -5.97
C LEU A 190 21.90 26.19 -7.16
N GLY A 191 21.02 25.55 -7.94
CA GLY A 191 20.46 26.22 -9.11
C GLY A 191 19.68 27.48 -8.78
N LEU A 192 18.97 27.48 -7.65
CA LEU A 192 18.21 28.66 -7.21
C LEU A 192 19.01 29.54 -6.25
N GLY A 193 20.30 29.24 -6.07
CA GLY A 193 21.22 30.07 -5.30
C GLY A 193 20.97 30.10 -3.81
N ASP A 211 26.74 13.69 -2.15
CA ASP A 211 27.31 13.63 -3.48
C ASP A 211 26.24 13.49 -4.58
N THR A 212 26.19 14.45 -5.50
CA THR A 212 25.16 14.52 -6.53
C THR A 212 25.65 14.02 -7.90
N SER A 213 26.86 13.48 -7.99
CA SER A 213 27.43 13.14 -9.29
C SER A 213 26.74 11.95 -9.94
N ALA A 214 26.27 10.98 -9.14
CA ALA A 214 25.57 9.84 -9.72
C ALA A 214 24.25 10.27 -10.36
N LEU A 215 23.53 11.20 -9.71
CA LEU A 215 22.30 11.69 -10.30
C LEU A 215 22.60 12.54 -11.53
N GLU A 216 23.64 13.37 -11.46
CA GLU A 216 23.98 14.23 -12.58
C GLU A 216 24.24 13.41 -13.84
N SER A 217 24.93 12.28 -13.70
CA SER A 217 25.18 11.41 -14.85
C SER A 217 23.88 10.88 -15.43
N LEU A 218 22.90 10.54 -14.58
CA LEU A 218 21.63 10.02 -15.06
C LEU A 218 20.85 11.07 -15.84
N LEU A 219 20.89 12.33 -15.38
CA LEU A 219 20.20 13.40 -16.10
C LEU A 219 20.90 13.68 -17.42
N LEU A 220 22.23 13.79 -17.40
CA LEU A 220 22.97 14.01 -18.64
C LEU A 220 22.70 12.89 -19.63
N GLU A 221 22.57 11.65 -19.16
CA GLU A 221 22.29 10.53 -20.07
C GLU A 221 20.89 10.64 -20.65
N ALA A 222 19.89 10.95 -19.82
CA ALA A 222 18.56 11.22 -20.36
C ALA A 222 18.60 12.28 -21.45
N VAL A 223 19.43 13.31 -21.27
CA VAL A 223 19.49 14.39 -22.25
C VAL A 223 20.18 13.89 -23.53
N HIS A 224 21.29 13.15 -23.41
CA HIS A 224 21.93 12.58 -24.59
C HIS A 224 20.98 11.70 -25.36
N SER A 225 20.24 10.85 -24.65
CA SER A 225 19.32 9.93 -25.31
C SER A 225 18.25 10.69 -26.09
N ALA A 226 17.75 11.80 -25.54
CA ALA A 226 16.68 12.51 -26.22
C ALA A 226 17.19 13.27 -27.45
N ARG A 227 18.43 13.76 -27.38
CA ARG A 227 19.01 14.45 -28.54
C ARG A 227 19.26 13.48 -29.70
N ARG A 228 19.32 12.18 -29.43
CA ARG A 228 19.71 11.17 -30.41
C ARG A 228 18.52 10.35 -30.91
N ASN A 229 17.45 10.22 -30.14
CA ASN A 229 16.31 9.39 -30.50
C ASN A 229 15.03 10.23 -30.57
N ASP A 230 14.19 9.90 -31.55
CA ASP A 230 12.87 10.52 -31.69
C ASP A 230 11.82 9.89 -30.79
N THR A 231 12.19 8.94 -29.94
CA THR A 231 11.28 8.42 -28.93
C THR A 231 10.71 9.58 -28.13
N PRO A 232 9.38 9.81 -28.16
CA PRO A 232 8.77 11.05 -27.66
C PRO A 232 8.58 11.14 -26.15
N THR A 233 9.64 10.82 -25.40
CA THR A 233 9.68 11.06 -23.96
C THR A 233 9.38 12.52 -23.62
N MET A 234 9.23 12.77 -22.33
CA MET A 234 9.09 14.14 -21.84
C MET A 234 10.35 14.94 -22.13
N THR A 235 11.53 14.31 -22.02
CA THR A 235 12.78 15.03 -22.29
C THR A 235 12.93 15.36 -23.77
N ARG A 236 12.42 14.49 -24.64
CA ARG A 236 12.54 14.73 -26.07
C ARG A 236 11.70 15.93 -26.51
N VAL A 237 10.45 16.04 -26.06
CA VAL A 237 9.62 17.17 -26.46
C VAL A 237 10.21 18.47 -25.91
N LEU A 238 10.73 18.43 -24.68
CA LEU A 238 11.40 19.61 -24.14
C LEU A 238 12.55 20.04 -25.04
N TYR A 239 13.41 19.10 -25.42
CA TYR A 239 14.56 19.42 -26.26
C TYR A 239 14.15 19.98 -27.62
N GLU A 240 13.21 19.32 -28.30
CA GLU A 240 12.76 19.79 -29.62
C GLU A 240 12.25 21.22 -29.56
N ARG A 241 11.37 21.52 -28.59
CA ARG A 241 10.84 22.88 -28.49
C ARG A 241 11.92 23.86 -28.06
N ALA A 242 12.79 23.46 -27.13
CA ALA A 242 13.82 24.39 -26.67
C ALA A 242 14.77 24.73 -27.80
N GLN A 243 15.17 23.72 -28.58
CA GLN A 243 16.03 23.98 -29.73
C GLN A 243 15.37 24.95 -30.70
N ALA A 244 14.06 24.79 -30.94
CA ALA A 244 13.36 25.69 -31.83
C ALA A 244 13.31 27.11 -31.26
N GLU A 245 13.03 27.25 -29.97
CA GLU A 245 12.83 28.59 -29.40
C GLU A 245 14.14 29.34 -29.19
N PHE A 246 15.25 28.64 -28.90
CA PHE A 246 16.52 29.28 -28.59
C PHE A 246 17.52 29.25 -29.75
N GLY A 247 17.15 28.68 -30.89
CA GLY A 247 18.13 28.40 -31.93
C GLY A 247 19.05 27.24 -31.59
N SER A 248 19.63 27.25 -30.40
CA SER A 248 20.54 26.20 -29.96
C SER A 248 20.41 26.11 -28.45
N VAL A 249 20.47 24.89 -27.91
CA VAL A 249 20.40 24.69 -26.47
C VAL A 249 21.45 23.68 -26.05
N SER A 250 22.22 24.00 -25.00
CA SER A 250 23.26 23.08 -24.55
C SER A 250 22.69 22.00 -23.63
N ASP A 251 23.47 20.91 -23.48
CA ASP A 251 23.09 19.84 -22.58
C ASP A 251 22.94 20.34 -21.15
N ASP A 252 23.86 21.21 -20.73
CA ASP A 252 23.78 21.74 -19.38
C ASP A 252 22.47 22.49 -19.15
N GLN A 253 22.01 23.23 -20.16
CA GLN A 253 20.78 24.01 -20.00
C GLN A 253 19.55 23.09 -19.91
N LEU A 254 19.54 21.99 -20.67
CA LEU A 254 18.43 21.04 -20.57
C LEU A 254 18.47 20.27 -19.26
N VAL A 255 19.65 19.82 -18.84
CA VAL A 255 19.79 19.18 -17.54
C VAL A 255 19.28 20.10 -16.43
N TYR A 256 19.66 21.37 -16.49
CA TYR A 256 19.19 22.32 -15.48
C TYR A 256 17.65 22.44 -15.49
N MET A 257 17.04 22.38 -16.67
CA MET A 257 15.59 22.52 -16.73
C MET A 257 14.87 21.28 -16.18
N ILE A 258 15.35 20.08 -16.53
CA ILE A 258 14.65 18.90 -16.01
C ILE A 258 14.95 18.69 -14.52
N THR A 259 16.11 19.13 -14.05
CA THR A 259 16.33 19.18 -12.60
C THR A 259 15.23 19.97 -11.92
N GLY A 260 14.83 21.10 -12.52
CA GLY A 260 13.72 21.87 -11.95
C GLY A 260 12.41 21.10 -11.93
N LEU A 261 12.10 20.41 -13.03
CA LEU A 261 10.84 19.67 -13.10
C LEU A 261 10.82 18.56 -12.07
N ILE A 262 11.98 17.95 -11.80
CA ILE A 262 12.01 16.83 -10.87
C ILE A 262 11.74 17.32 -9.47
N PHE A 263 12.37 18.42 -9.05
CA PHE A 263 12.06 18.92 -7.72
C PHE A 263 10.60 19.33 -7.61
N ALA A 264 10.20 20.35 -8.39
CA ALA A 264 8.79 20.78 -8.41
C ALA A 264 7.85 19.60 -8.59
N GLY A 265 8.27 18.55 -9.30
CA GLY A 265 7.36 17.46 -9.61
C GLY A 265 7.07 16.47 -8.50
N HIS A 266 7.85 16.54 -7.40
CA HIS A 266 7.72 15.54 -6.35
C HIS A 266 7.63 16.19 -4.96
N ASP A 267 8.16 17.39 -4.74
CA ASP A 267 8.06 17.89 -3.37
C ASP A 267 6.66 18.39 -3.03
N THR A 268 6.10 19.29 -3.85
CA THR A 268 4.72 19.71 -3.63
C THR A 268 3.78 18.53 -3.70
N THR A 269 4.02 17.63 -4.66
CA THR A 269 3.12 16.50 -4.84
C THR A 269 3.16 15.54 -3.64
N GLY A 270 4.35 15.25 -3.11
CA GLY A 270 4.45 14.27 -2.04
C GLY A 270 3.90 14.81 -0.73
N SER A 271 4.10 16.11 -0.50
CA SER A 271 3.45 16.76 0.63
C SER A 271 1.93 16.64 0.51
N PHE A 272 1.37 16.93 -0.67
CA PHE A 272 -0.08 16.85 -0.81
C PHE A 272 -0.56 15.40 -0.70
N LEU A 273 0.17 14.46 -1.30
CA LEU A 273 -0.29 13.07 -1.27
C LEU A 273 -0.36 12.51 0.15
N GLY A 274 0.49 12.96 1.07
CA GLY A 274 0.36 12.53 2.45
C GLY A 274 -0.97 12.95 3.07
N PHE A 275 -1.42 14.16 2.73
CA PHE A 275 -2.73 14.65 3.19
C PHE A 275 -3.87 13.89 2.51
N LEU A 276 -3.78 13.70 1.20
CA LEU A 276 -4.79 12.93 0.49
C LEU A 276 -4.88 11.50 1.05
N LEU A 277 -3.73 10.85 1.24
CA LEU A 277 -3.74 9.52 1.82
C LEU A 277 -4.45 9.52 3.18
N ALA A 278 -4.18 10.53 4.01
CA ALA A 278 -4.79 10.54 5.34
C ALA A 278 -6.31 10.66 5.24
N GLU A 279 -6.82 11.48 4.30
CA GLU A 279 -8.26 11.64 4.18
C GLU A 279 -8.92 10.38 3.64
N VAL A 280 -8.26 9.70 2.69
CA VAL A 280 -8.81 8.46 2.13
C VAL A 280 -8.87 7.38 3.19
N LEU A 281 -7.76 7.18 3.91
CA LEU A 281 -7.71 6.11 4.89
C LEU A 281 -8.52 6.42 6.14
N ALA A 282 -8.83 7.69 6.40
CA ALA A 282 -9.77 7.98 7.47
C ALA A 282 -11.18 7.55 7.12
N GLY A 283 -11.39 6.96 5.94
CA GLY A 283 -12.67 6.42 5.53
C GLY A 283 -13.63 7.40 4.88
N ARG A 284 -13.18 8.60 4.52
CA ARG A 284 -14.13 9.63 4.08
C ARG A 284 -14.60 9.48 2.62
N LEU A 285 -14.12 8.47 1.88
CA LEU A 285 -14.56 8.26 0.50
C LEU A 285 -15.43 7.01 0.43
N ALA A 286 -16.60 7.14 -0.21
CA ALA A 286 -17.51 6.01 -0.31
C ALA A 286 -16.91 4.91 -1.17
N ALA A 287 -17.14 3.67 -0.76
CA ALA A 287 -16.53 2.55 -1.48
C ALA A 287 -17.12 2.36 -2.87
N ASP A 288 -18.27 2.94 -3.17
CA ASP A 288 -18.88 2.82 -4.50
C ASP A 288 -18.51 3.97 -5.43
N ALA A 289 -17.53 4.79 -5.06
CA ALA A 289 -17.30 6.08 -5.71
C ALA A 289 -16.98 5.91 -7.20
N ASP A 290 -17.75 6.57 -8.06
CA ASP A 290 -17.40 6.65 -9.47
C ASP A 290 -16.34 7.72 -9.69
N GLU A 291 -15.94 7.90 -10.95
CA GLU A 291 -14.83 8.80 -11.24
C GLU A 291 -15.16 10.25 -10.90
N ASP A 292 -16.42 10.65 -11.03
CA ASP A 292 -16.79 12.00 -10.64
C ASP A 292 -16.62 12.22 -9.14
N ALA A 293 -16.98 11.23 -8.34
CA ALA A 293 -16.88 11.35 -6.89
C ALA A 293 -15.42 11.38 -6.44
N VAL A 294 -14.58 10.53 -7.03
CA VAL A 294 -13.14 10.59 -6.79
C VAL A 294 -12.62 11.99 -7.11
N SER A 295 -13.00 12.53 -8.27
CA SER A 295 -12.52 13.86 -8.65
C SER A 295 -12.92 14.90 -7.61
N ARG A 296 -14.19 14.88 -7.16
CA ARG A 296 -14.62 15.86 -6.16
C ARG A 296 -13.87 15.68 -4.84
N PHE A 297 -13.53 14.43 -4.49
CA PHE A 297 -12.77 14.17 -3.27
C PHE A 297 -11.36 14.74 -3.37
N VAL A 298 -10.70 14.55 -4.51
CA VAL A 298 -9.34 15.08 -4.69
C VAL A 298 -9.36 16.61 -4.69
N GLU A 299 -10.35 17.21 -5.36
CA GLU A 299 -10.44 18.67 -5.36
C GLU A 299 -10.63 19.23 -3.94
N GLU A 300 -11.47 18.59 -3.13
CA GLU A 300 -11.67 19.06 -1.77
C GLU A 300 -10.41 18.90 -0.93
N ALA A 301 -9.67 17.82 -1.14
CA ALA A 301 -8.37 17.70 -0.48
C ALA A 301 -7.43 18.83 -0.90
N LEU A 302 -7.50 19.21 -2.18
CA LEU A 302 -6.63 20.29 -2.69
C LEU A 302 -7.00 21.64 -2.10
N ARG A 303 -8.30 21.91 -1.92
CA ARG A 303 -8.71 23.14 -1.22
C ARG A 303 -8.29 23.10 0.24
N TYR A 304 -8.48 21.95 0.89
CA TYR A 304 -8.41 21.86 2.34
C TYR A 304 -6.97 21.71 2.84
N HIS A 305 -6.09 21.12 2.05
CA HIS A 305 -4.71 20.88 2.46
C HIS A 305 -3.73 21.39 1.40
N PRO A 306 -3.68 22.68 1.15
CA PRO A 306 -2.71 23.19 0.16
C PRO A 306 -1.29 23.01 0.66
N PRO A 307 -0.39 22.42 -0.14
CA PRO A 307 1.00 22.25 0.32
C PRO A 307 1.77 23.55 0.43
N VAL A 308 1.48 24.53 -0.42
CA VAL A 308 2.18 25.80 -0.54
C VAL A 308 1.27 26.88 0.05
N PRO A 309 1.61 27.47 1.17
CA PRO A 309 0.68 28.38 1.82
C PRO A 309 0.59 29.75 1.15
N TYR A 310 1.67 30.23 0.52
CA TYR A 310 1.67 31.51 -0.17
C TYR A 310 2.29 31.36 -1.57
N THR A 311 1.89 32.22 -2.51
CA THR A 311 2.58 32.28 -3.79
C THR A 311 4.03 32.72 -3.62
N LEU A 312 4.85 32.38 -4.63
CA LEU A 312 6.24 32.80 -4.61
C LEU A 312 6.34 34.33 -4.68
N TRP A 313 7.43 34.88 -4.14
CA TRP A 313 7.57 36.33 -4.03
C TRP A 313 7.32 37.03 -5.37
N ARG A 314 6.49 38.06 -5.34
CA ARG A 314 6.39 39.01 -6.44
C ARG A 314 6.79 40.40 -5.96
N PHE A 315 7.22 41.25 -6.88
CA PHE A 315 7.67 42.60 -6.55
C PHE A 315 7.04 43.63 -7.47
N ALA A 316 6.60 44.75 -6.90
CA ALA A 316 6.05 45.83 -7.70
C ALA A 316 7.18 46.48 -8.49
N ALA A 317 7.09 46.41 -9.82
CA ALA A 317 8.09 47.04 -10.67
C ALA A 317 7.91 48.55 -10.75
N THR A 318 6.72 49.03 -10.42
CA THR A 318 6.39 50.43 -10.40
C THR A 318 5.47 50.66 -9.20
N GLU A 319 5.31 51.92 -8.82
CA GLU A 319 4.36 52.21 -7.76
C GLU A 319 2.98 51.79 -8.22
N VAL A 320 2.26 51.09 -7.36
CA VAL A 320 0.96 50.52 -7.71
C VAL A 320 0.03 50.74 -6.54
N THR A 321 -1.20 51.13 -6.84
CA THR A 321 -2.24 51.33 -5.84
C THR A 321 -3.28 50.26 -6.05
N ILE A 322 -3.36 49.32 -5.11
CA ILE A 322 -4.27 48.19 -5.25
C ILE A 322 -4.95 47.97 -3.90
N GLY A 323 -6.25 47.69 -3.94
CA GLY A 323 -7.01 47.50 -2.72
C GLY A 323 -6.98 48.70 -1.78
N GLY A 324 -6.87 49.91 -2.33
CA GLY A 324 -6.79 51.12 -1.52
C GLY A 324 -5.44 51.41 -0.92
N VAL A 325 -4.47 50.50 -1.05
CA VAL A 325 -3.15 50.69 -0.45
C VAL A 325 -2.16 51.06 -1.54
N ARG A 326 -1.42 52.13 -1.33
CA ARG A 326 -0.36 52.53 -2.26
C ARG A 326 0.89 51.72 -1.94
N LEU A 327 1.32 50.88 -2.88
CA LEU A 327 2.49 50.03 -2.68
C LEU A 327 3.69 50.68 -3.34
N PRO A 328 4.80 50.75 -2.64
CA PRO A 328 6.00 51.38 -3.21
C PRO A 328 6.66 50.47 -4.24
N ARG A 329 7.41 51.11 -5.13
CA ARG A 329 8.22 50.33 -6.06
C ARG A 329 9.18 49.44 -5.27
N GLY A 330 9.19 48.15 -5.60
CA GLY A 330 9.97 47.17 -4.87
C GLY A 330 9.22 46.42 -3.79
N ALA A 331 7.93 46.66 -3.63
CA ALA A 331 7.15 46.05 -2.54
C ALA A 331 7.09 44.55 -2.71
N PRO A 332 7.51 43.76 -1.72
CA PRO A 332 7.32 42.30 -1.78
C PRO A 332 5.88 41.92 -1.44
N VAL A 333 5.25 41.14 -2.32
CA VAL A 333 3.82 40.84 -2.25
C VAL A 333 3.59 39.33 -2.29
N LEU A 334 2.75 38.82 -1.37
CA LEU A 334 2.33 37.42 -1.30
C LEU A 334 0.82 37.31 -1.45
N VAL A 335 0.36 36.30 -2.20
CA VAL A 335 -1.05 35.91 -2.16
C VAL A 335 -1.22 34.83 -1.10
N ASP A 336 -2.22 34.98 -0.23
CA ASP A 336 -2.45 34.00 0.83
C ASP A 336 -3.28 32.84 0.26
N ILE A 337 -2.60 31.78 -0.19
CA ILE A 337 -3.31 30.62 -0.72
C ILE A 337 -4.10 29.93 0.40
N GLU A 338 -3.42 29.59 1.49
CA GLU A 338 -4.01 28.79 2.55
C GLU A 338 -5.15 29.52 3.24
N GLY A 339 -5.03 30.85 3.35
CA GLY A 339 -6.08 31.63 3.97
C GLY A 339 -7.31 31.79 3.09
N THR A 340 -7.11 32.21 1.84
CA THR A 340 -8.26 32.33 0.93
C THR A 340 -8.95 30.99 0.71
N ASN A 341 -8.18 29.89 0.68
CA ASN A 341 -8.79 28.56 0.53
C ASN A 341 -9.72 28.23 1.68
N THR A 342 -9.51 28.82 2.86
CA THR A 342 -10.33 28.54 4.03
C THR A 342 -10.97 29.81 4.56
N ASP A 343 -11.46 30.65 3.63
CA ASP A 343 -12.12 31.91 3.94
C ASP A 343 -13.62 31.69 4.08
N GLY A 344 -14.15 31.93 5.27
CA GLY A 344 -15.55 31.68 5.58
C GLY A 344 -16.54 32.60 4.90
N ARG A 345 -16.08 33.73 4.35
CA ARG A 345 -16.95 34.59 3.55
C ARG A 345 -17.37 33.94 2.25
N HIS A 346 -16.61 32.98 1.73
CA HIS A 346 -16.84 32.39 0.43
C HIS A 346 -16.89 30.87 0.44
N HIS A 347 -16.66 30.26 1.59
CA HIS A 347 -16.80 28.82 1.74
C HIS A 347 -17.66 28.57 2.95
N ASP A 348 -18.54 27.60 2.85
CA ASP A 348 -19.40 27.24 3.96
C ASP A 348 -18.67 26.20 4.78
N ALA A 349 -18.46 26.47 6.06
CA ALA A 349 -17.63 25.65 6.94
C ALA A 349 -16.27 25.35 6.31
N PRO A 350 -15.43 26.37 6.09
CA PRO A 350 -14.15 26.14 5.40
C PRO A 350 -13.23 25.14 6.08
N HIS A 351 -13.31 24.98 7.40
CA HIS A 351 -12.40 24.08 8.11
C HIS A 351 -12.97 22.67 8.27
N ALA A 352 -14.02 22.35 7.53
CA ALA A 352 -14.57 21.01 7.46
C ALA A 352 -14.35 20.42 6.07
N PHE A 353 -14.11 19.11 6.00
CA PHE A 353 -13.83 18.43 4.75
C PHE A 353 -15.13 17.92 4.13
N HIS A 354 -15.51 18.48 2.97
CA HIS A 354 -16.82 18.26 2.35
C HIS A 354 -16.66 18.03 0.87
N PRO A 355 -16.43 16.78 0.45
CA PRO A 355 -16.24 16.52 -1.00
C PRO A 355 -17.35 17.07 -1.88
N ASP A 356 -18.60 17.00 -1.43
CA ASP A 356 -19.72 17.41 -2.24
C ASP A 356 -20.14 18.85 -2.01
N ARG A 357 -19.25 19.68 -1.47
CA ARG A 357 -19.53 21.12 -1.39
C ARG A 357 -19.50 21.67 -2.81
N PRO A 358 -19.78 22.99 -3.01
CA PRO A 358 -19.43 23.60 -4.31
C PRO A 358 -17.97 23.35 -4.69
N SER A 359 -17.72 22.35 -5.56
CA SER A 359 -16.39 22.14 -6.14
C SER A 359 -16.02 23.41 -6.93
N TRP A 360 -15.14 24.23 -6.37
CA TRP A 360 -15.16 25.66 -6.68
C TRP A 360 -13.75 26.23 -6.52
N ARG A 361 -13.68 27.55 -6.33
CA ARG A 361 -12.44 28.30 -6.51
C ARG A 361 -11.37 27.90 -5.51
N ARG A 362 -10.13 27.83 -5.97
CA ARG A 362 -9.00 27.67 -5.09
C ARG A 362 -7.77 28.26 -5.77
N LEU A 363 -6.76 28.53 -4.96
CA LEU A 363 -5.49 29.08 -5.43
C LEU A 363 -4.35 28.11 -5.12
N THR A 364 -4.69 26.84 -4.93
CA THR A 364 -3.72 25.81 -4.56
C THR A 364 -2.63 25.68 -5.62
N PHE A 365 -3.00 25.86 -6.88
CA PHE A 365 -2.06 25.82 -8.00
C PHE A 365 -1.70 27.21 -8.56
N GLY A 366 -1.97 28.30 -7.80
CA GLY A 366 -1.70 29.63 -8.34
C GLY A 366 -2.77 30.09 -9.31
N ASP A 367 -2.41 31.07 -10.15
CA ASP A 367 -3.31 31.69 -11.14
C ASP A 367 -2.51 32.68 -11.99
N GLY A 368 -3.02 32.95 -13.19
CA GLY A 368 -2.36 33.87 -14.10
C GLY A 368 -1.24 33.18 -14.86
N PRO A 369 -0.32 33.95 -15.45
CA PRO A 369 0.67 33.35 -16.36
C PRO A 369 1.52 32.24 -15.73
N HIS A 370 1.75 32.25 -14.41
CA HIS A 370 2.61 31.26 -13.77
C HIS A 370 1.83 30.09 -13.15
N TYR A 371 0.54 29.95 -13.43
CA TYR A 371 -0.25 28.84 -12.92
C TYR A 371 0.52 27.53 -13.11
N CYS A 372 0.35 26.60 -12.18
CA CYS A 372 1.14 25.36 -12.18
C CYS A 372 1.06 24.64 -13.51
N ILE A 373 2.22 24.48 -14.18
CA ILE A 373 2.24 23.76 -15.44
C ILE A 373 2.11 22.24 -15.22
N GLY A 374 2.43 21.76 -14.02
CA GLY A 374 2.41 20.33 -13.78
C GLY A 374 1.13 19.75 -13.23
N GLU A 375 0.06 20.54 -13.13
CA GLU A 375 -1.13 20.12 -12.40
C GLU A 375 -1.71 18.82 -12.92
N GLN A 376 -1.65 18.63 -14.24
CA GLN A 376 -2.22 17.45 -14.88
C GLN A 376 -1.58 16.17 -14.37
N LEU A 377 -0.25 16.17 -14.24
CA LEU A 377 0.45 15.02 -13.69
C LEU A 377 0.02 14.76 -12.25
N ALA A 378 -0.11 15.80 -11.43
CA ALA A 378 -0.48 15.60 -10.03
C ALA A 378 -1.89 15.03 -9.92
N GLN A 379 -2.81 15.49 -10.76
CA GLN A 379 -4.17 14.97 -10.76
C GLN A 379 -4.19 13.51 -11.21
N LEU A 380 -3.38 13.15 -12.21
CA LEU A 380 -3.36 11.78 -12.69
C LEU A 380 -2.79 10.85 -11.62
N GLU A 381 -1.71 11.27 -10.96
CA GLU A 381 -1.10 10.50 -9.90
C GLU A 381 -2.06 10.28 -8.74
N SER A 382 -2.81 11.33 -8.36
CA SER A 382 -3.76 11.24 -7.24
C SER A 382 -4.88 10.24 -7.53
N ARG A 383 -5.51 10.35 -8.71
CA ARG A 383 -6.54 9.39 -9.10
C ARG A 383 -5.98 7.96 -9.16
N THR A 384 -4.82 7.79 -9.78
CA THR A 384 -4.26 6.46 -9.95
C THR A 384 -3.91 5.83 -8.61
N MET A 385 -3.27 6.58 -7.73
CA MET A 385 -3.01 6.10 -6.37
C MET A 385 -4.28 5.62 -5.69
N ILE A 386 -5.35 6.43 -5.74
CA ILE A 386 -6.61 6.02 -5.11
C ILE A 386 -7.14 4.73 -5.73
N GLY A 387 -7.04 4.61 -7.06
CA GLY A 387 -7.52 3.41 -7.72
C GLY A 387 -6.75 2.16 -7.30
N VAL A 388 -5.43 2.27 -7.17
CA VAL A 388 -4.65 1.14 -6.69
C VAL A 388 -5.05 0.79 -5.26
N LEU A 389 -5.28 1.81 -4.40
CA LEU A 389 -5.66 1.56 -3.01
C LEU A 389 -7.02 0.88 -2.91
N ARG A 390 -8.02 1.38 -3.64
CA ARG A 390 -9.36 0.81 -3.54
C ARG A 390 -9.41 -0.60 -4.08
N SER A 391 -8.61 -0.88 -5.10
CA SER A 391 -8.68 -2.16 -5.79
C SER A 391 -7.90 -3.24 -5.04
N ARG A 392 -6.66 -2.94 -4.64
CA ARG A 392 -5.76 -3.94 -4.07
C ARG A 392 -5.54 -3.82 -2.56
N PHE A 393 -5.92 -2.71 -1.93
CA PHE A 393 -5.77 -2.57 -0.48
C PHE A 393 -7.04 -2.01 0.13
N PRO A 394 -8.18 -2.70 -0.06
CA PRO A 394 -9.49 -2.12 0.35
C PRO A 394 -9.66 -1.95 1.85
N GLU A 395 -8.85 -2.61 2.67
CA GLU A 395 -8.98 -2.46 4.10
C GLU A 395 -7.90 -1.59 4.71
N ALA A 396 -7.10 -0.92 3.89
CA ALA A 396 -6.10 -0.03 4.43
C ALA A 396 -6.77 1.00 5.32
N ARG A 397 -6.12 1.35 6.43
CA ARG A 397 -6.70 2.30 7.36
C ARG A 397 -5.61 2.91 8.23
N LEU A 398 -5.95 4.03 8.87
CA LEU A 398 -5.06 4.65 9.84
C LEU A 398 -4.78 3.72 11.01
N ALA A 399 -3.54 3.77 11.50
CA ALA A 399 -3.12 3.02 12.68
C ALA A 399 -3.05 3.90 13.92
N VAL A 400 -3.25 5.20 13.76
CA VAL A 400 -3.53 6.12 14.85
C VAL A 400 -4.85 6.83 14.53
N PRO A 401 -5.49 7.45 15.51
CA PRO A 401 -6.68 8.24 15.19
C PRO A 401 -6.31 9.45 14.34
N TYR A 402 -7.24 9.81 13.45
CA TYR A 402 -7.08 11.00 12.61
C TYR A 402 -6.80 12.24 13.46
N ASP A 403 -7.42 12.33 14.64
CA ASP A 403 -7.19 13.46 15.56
C ASP A 403 -5.80 13.45 16.17
N GLU A 404 -5.04 12.36 16.06
CA GLU A 404 -3.67 12.39 16.54
C GLU A 404 -2.67 12.79 15.46
N LEU A 405 -3.08 12.88 14.21
CA LEU A 405 -2.17 13.30 13.16
C LEU A 405 -1.75 14.76 13.37
N ARG A 406 -0.51 15.07 13.00
CA ARG A 406 0.00 16.44 13.09
C ARG A 406 0.79 16.76 11.83
N TRP A 407 0.79 18.03 11.44
CA TRP A 407 1.59 18.51 10.33
C TRP A 407 2.25 19.83 10.70
N CYS A 408 3.26 20.22 9.92
CA CYS A 408 3.97 21.46 10.17
C CYS A 408 4.68 21.89 8.89
N ARG A 409 5.24 23.10 8.96
CA ARG A 409 6.20 23.58 7.97
C ARG A 409 7.02 24.69 8.61
N LYS A 410 8.24 24.85 8.13
CA LYS A 410 9.15 25.89 8.60
C LYS A 410 9.60 26.73 7.41
N GLY A 411 9.61 28.05 7.57
CA GLY A 411 10.10 28.90 6.49
C GLY A 411 9.27 28.75 5.21
N ALA A 412 9.95 28.42 4.13
CA ALA A 412 9.34 28.38 2.81
C ALA A 412 9.06 26.97 2.31
N GLN A 413 9.20 25.95 3.16
CA GLN A 413 8.95 24.61 2.67
C GLN A 413 7.45 24.28 2.70
N THR A 414 7.11 23.20 2.00
CA THR A 414 5.72 22.78 1.91
C THR A 414 5.25 22.18 3.24
N ALA A 415 3.95 22.34 3.51
CA ALA A 415 3.33 21.70 4.67
C ALA A 415 3.40 20.17 4.54
N ARG A 416 3.65 19.49 5.65
CA ARG A 416 3.73 18.04 5.59
C ARG A 416 3.41 17.40 6.94
N LEU A 417 2.84 16.20 6.88
CA LEU A 417 2.55 15.43 8.07
C LEU A 417 3.82 14.94 8.73
N THR A 418 3.84 14.94 10.07
CA THR A 418 5.00 14.41 10.78
C THR A 418 5.19 12.92 10.51
N GLU A 419 4.09 12.18 10.33
CA GLU A 419 4.14 10.75 10.05
C GLU A 419 2.72 10.31 9.73
N LEU A 420 2.61 9.14 9.10
CA LEU A 420 1.31 8.59 8.70
C LEU A 420 1.35 7.07 8.84
N PRO A 421 1.21 6.56 10.06
CA PRO A 421 1.22 5.09 10.26
C PRO A 421 -0.11 4.46 9.85
N VAL A 422 -0.05 3.40 9.04
CA VAL A 422 -1.23 2.76 8.48
C VAL A 422 -1.04 1.24 8.43
N TRP A 423 -2.16 0.52 8.60
CA TRP A 423 -2.21 -0.91 8.30
C TRP A 423 -2.78 -1.05 6.89
N LEU A 424 -1.94 -1.48 5.94
CA LEU A 424 -2.37 -1.58 4.55
C LEU A 424 -3.34 -2.74 4.33
N ARG A 425 -3.24 -3.79 5.14
CA ARG A 425 -4.12 -4.96 5.02
C ARG A 425 -4.97 -5.23 6.28
N ALA B 8 -7.58 -20.74 -25.63
CA ALA B 8 -6.45 -20.90 -24.72
C ALA B 8 -5.69 -22.20 -24.96
N PRO B 9 -4.36 -22.14 -24.84
CA PRO B 9 -3.56 -23.38 -24.82
C PRO B 9 -4.12 -24.32 -23.76
N ARG B 10 -3.99 -25.62 -24.02
CA ARG B 10 -4.58 -26.62 -23.15
C ARG B 10 -3.55 -27.65 -22.73
N VAL B 11 -3.49 -27.94 -21.43
CA VAL B 11 -2.70 -29.05 -20.89
C VAL B 11 -3.67 -29.96 -20.15
N ALA B 12 -3.86 -31.17 -20.66
CA ALA B 12 -4.97 -32.04 -20.28
C ALA B 12 -4.63 -32.84 -19.03
N VAL B 13 -4.59 -32.15 -17.89
CA VAL B 13 -4.22 -32.77 -16.62
C VAL B 13 -5.08 -32.21 -15.48
N ASP B 14 -5.08 -32.93 -14.37
CA ASP B 14 -5.55 -32.40 -13.10
C ASP B 14 -4.51 -31.44 -12.53
N PRO B 15 -4.83 -30.15 -12.32
CA PRO B 15 -3.82 -29.24 -11.74
C PRO B 15 -3.40 -29.62 -10.35
N PHE B 16 -4.18 -30.45 -9.65
CA PHE B 16 -3.90 -30.85 -8.28
C PHE B 16 -3.10 -32.14 -8.18
N ALA B 17 -2.79 -32.79 -9.31
CA ALA B 17 -2.00 -34.01 -9.28
C ALA B 17 -0.67 -33.76 -8.57
N CYS B 18 -0.35 -34.62 -7.62
CA CYS B 18 0.83 -34.42 -6.78
C CYS B 18 1.39 -35.78 -6.37
N PRO B 19 2.47 -36.23 -7.01
CA PRO B 19 3.19 -37.41 -6.50
C PRO B 19 3.94 -37.04 -5.23
N MET B 20 4.49 -38.06 -4.57
CA MET B 20 5.34 -37.86 -3.41
C MET B 20 6.50 -36.94 -3.77
N MET B 21 6.69 -35.89 -2.98
CA MET B 21 7.67 -34.86 -3.30
C MET B 21 8.83 -34.86 -2.32
N THR B 22 9.97 -34.45 -2.85
CA THR B 22 11.20 -34.09 -2.18
C THR B 22 11.10 -32.64 -1.69
N MET B 23 11.89 -32.29 -0.65
CA MET B 23 11.85 -30.93 -0.10
C MET B 23 12.14 -29.86 -1.15
N GLN B 24 12.91 -30.19 -2.18
CA GLN B 24 13.30 -29.19 -3.17
C GLN B 24 12.37 -29.15 -4.39
N ARG B 25 11.54 -30.15 -4.59
CA ARG B 25 10.80 -30.30 -5.83
C ARG B 25 9.37 -29.77 -5.68
N LYS B 26 8.84 -29.25 -6.79
CA LYS B 26 7.44 -28.95 -6.97
C LYS B 26 6.87 -29.78 -8.12
N PRO B 27 5.58 -30.10 -8.09
CA PRO B 27 4.97 -30.88 -9.17
C PRO B 27 5.30 -30.32 -10.55
N GLU B 28 5.45 -31.23 -11.52
CA GLU B 28 5.87 -30.83 -12.86
C GLU B 28 4.80 -30.04 -13.60
N VAL B 29 3.52 -30.24 -13.25
CA VAL B 29 2.43 -29.54 -13.95
C VAL B 29 2.66 -28.04 -13.96
N HIS B 30 3.29 -27.49 -12.90
CA HIS B 30 3.51 -26.05 -12.83
C HIS B 30 4.38 -25.57 -14.00
N ASP B 31 5.38 -26.37 -14.38
CA ASP B 31 6.20 -26.00 -15.53
C ASP B 31 5.44 -26.18 -16.85
N ALA B 32 4.56 -27.19 -16.93
CA ALA B 32 3.74 -27.36 -18.11
C ALA B 32 2.84 -26.15 -18.33
N PHE B 33 2.14 -25.73 -17.28
CA PHE B 33 1.24 -24.58 -17.38
C PHE B 33 2.01 -23.31 -17.78
N ARG B 34 3.12 -23.03 -17.11
CA ARG B 34 3.88 -21.82 -17.40
C ARG B 34 4.40 -21.82 -18.84
N GLU B 35 4.78 -22.99 -19.35
CA GLU B 35 5.25 -23.07 -20.73
C GLU B 35 4.15 -22.69 -21.72
N ALA B 36 2.94 -23.22 -21.49
CA ALA B 36 1.83 -22.98 -22.42
C ALA B 36 1.51 -21.49 -22.55
N GLY B 37 1.31 -20.80 -21.42
CA GLY B 37 0.99 -19.39 -21.45
C GLY B 37 0.40 -18.86 -20.15
N PRO B 38 0.06 -17.56 -20.13
CA PRO B 38 -0.44 -16.95 -18.87
C PRO B 38 -1.82 -17.42 -18.45
N VAL B 39 -2.61 -17.96 -19.38
CA VAL B 39 -3.96 -18.45 -19.11
C VAL B 39 -4.08 -19.74 -19.88
N VAL B 40 -4.22 -20.87 -19.19
CA VAL B 40 -4.20 -22.16 -19.85
C VAL B 40 -5.35 -23.00 -19.32
N GLU B 41 -5.97 -23.77 -20.22
CA GLU B 41 -7.08 -24.63 -19.86
C GLU B 41 -6.57 -25.99 -19.44
N VAL B 42 -7.22 -26.56 -18.42
CA VAL B 42 -6.84 -27.86 -17.88
C VAL B 42 -8.12 -28.67 -17.65
N ASN B 43 -7.98 -29.84 -17.04
CA ASN B 43 -9.11 -30.71 -16.73
C ASN B 43 -9.48 -30.54 -15.26
N ALA B 44 -10.73 -30.17 -15.00
CA ALA B 44 -11.15 -29.96 -13.63
C ALA B 44 -11.36 -31.30 -12.93
N PRO B 45 -11.00 -31.40 -11.64
CA PRO B 45 -11.06 -32.72 -10.97
C PRO B 45 -12.43 -33.37 -11.03
N ALA B 46 -13.51 -32.59 -10.95
CA ALA B 46 -14.86 -33.15 -10.92
C ALA B 46 -15.57 -33.05 -12.26
N GLY B 47 -14.87 -32.67 -13.32
CA GLY B 47 -15.44 -32.70 -14.64
C GLY B 47 -15.42 -31.36 -15.36
N GLY B 48 -15.37 -31.39 -16.67
CA GLY B 48 -15.33 -30.18 -17.44
C GLY B 48 -13.98 -29.52 -17.37
N PRO B 49 -13.89 -28.30 -17.89
CA PRO B 49 -12.60 -27.59 -17.92
C PRO B 49 -12.39 -26.63 -16.75
N ALA B 50 -11.17 -26.11 -16.63
CA ALA B 50 -10.85 -25.05 -15.70
C ALA B 50 -9.72 -24.25 -16.32
N TRP B 51 -9.47 -23.06 -15.79
CA TRP B 51 -8.40 -22.23 -16.32
C TRP B 51 -7.44 -21.84 -15.19
N VAL B 52 -6.15 -21.97 -15.47
CA VAL B 52 -5.09 -21.71 -14.50
C VAL B 52 -4.31 -20.49 -14.97
N ILE B 53 -4.19 -19.50 -14.10
CA ILE B 53 -3.38 -18.32 -14.38
C ILE B 53 -1.98 -18.57 -13.82
N THR B 54 -0.97 -18.46 -14.70
CA THR B 54 0.41 -18.78 -14.37
C THR B 54 1.29 -17.56 -14.26
N ASP B 55 0.70 -16.36 -14.25
CA ASP B 55 1.46 -15.12 -14.23
C ASP B 55 1.06 -14.31 -13.01
N ASP B 56 2.06 -13.86 -12.23
CA ASP B 56 1.78 -13.17 -10.98
C ASP B 56 0.95 -11.91 -11.20
N ALA B 57 1.43 -11.01 -12.06
CA ALA B 57 0.74 -9.74 -12.28
C ALA B 57 -0.68 -9.96 -12.79
N LEU B 58 -0.87 -10.92 -13.69
CA LEU B 58 -2.22 -11.17 -14.19
C LEU B 58 -3.11 -11.74 -13.10
N ALA B 59 -2.56 -12.66 -12.29
CA ALA B 59 -3.32 -13.25 -11.20
C ALA B 59 -3.83 -12.18 -10.24
N ARG B 60 -2.99 -11.20 -9.90
CA ARG B 60 -3.41 -10.12 -9.02
C ARG B 60 -4.53 -9.30 -9.67
N GLU B 61 -4.47 -9.15 -11.00
CA GLU B 61 -5.55 -8.49 -11.72
C GLU B 61 -6.86 -9.26 -11.57
N VAL B 62 -6.82 -10.56 -11.85
CA VAL B 62 -8.01 -11.40 -11.73
C VAL B 62 -8.56 -11.36 -10.30
N LEU B 63 -7.69 -11.46 -9.29
CA LEU B 63 -8.15 -11.56 -7.91
C LEU B 63 -8.76 -10.25 -7.41
N ALA B 64 -8.42 -9.11 -8.02
CA ALA B 64 -9.06 -7.83 -7.71
C ALA B 64 -10.24 -7.54 -8.61
N ASP B 65 -10.62 -8.47 -9.49
CA ASP B 65 -11.63 -8.22 -10.52
C ASP B 65 -13.01 -8.59 -10.01
N PRO B 66 -13.93 -7.62 -9.91
CA PRO B 66 -15.27 -7.94 -9.37
C PRO B 66 -16.01 -8.98 -10.17
N ARG B 67 -15.58 -9.27 -11.40
CA ARG B 67 -16.23 -10.23 -12.29
C ARG B 67 -15.89 -11.67 -11.97
N PHE B 68 -14.84 -11.91 -11.19
CA PHE B 68 -14.48 -13.27 -10.80
C PHE B 68 -14.90 -13.44 -9.34
N VAL B 69 -15.90 -14.29 -9.12
CA VAL B 69 -16.66 -14.33 -7.87
C VAL B 69 -16.55 -15.71 -7.24
N LYS B 70 -16.68 -15.75 -5.91
CA LYS B 70 -16.63 -17.01 -5.18
C LYS B 70 -17.92 -17.81 -5.30
N ASP B 71 -19.03 -17.16 -5.69
CA ASP B 71 -20.39 -17.72 -5.62
C ASP B 71 -20.45 -19.18 -6.05
N PRO B 72 -20.66 -20.11 -5.12
CA PRO B 72 -20.59 -21.54 -5.44
C PRO B 72 -21.78 -22.07 -6.21
N ASP B 73 -22.79 -21.23 -6.48
CA ASP B 73 -23.91 -21.66 -7.29
C ASP B 73 -23.52 -21.76 -8.76
N LEU B 74 -22.61 -20.89 -9.21
CA LEU B 74 -22.12 -20.90 -10.58
C LEU B 74 -21.33 -22.16 -10.93
N ALA B 75 -20.88 -22.93 -9.95
CA ALA B 75 -20.16 -24.16 -10.24
C ALA B 75 -21.10 -25.19 -10.91
N PRO B 76 -20.55 -26.05 -11.77
CA PRO B 76 -21.37 -27.12 -12.36
C PRO B 76 -22.00 -28.02 -11.31
N ALA B 77 -23.25 -28.42 -11.56
CA ALA B 77 -23.99 -29.23 -10.62
C ALA B 77 -23.37 -30.61 -10.44
N ALA B 78 -22.54 -31.05 -11.39
CA ALA B 78 -21.81 -32.30 -11.24
C ALA B 78 -20.84 -32.24 -10.06
N TRP B 79 -20.29 -31.05 -9.77
CA TRP B 79 -19.27 -30.94 -8.72
C TRP B 79 -19.85 -31.18 -7.33
N ARG B 80 -21.16 -30.96 -7.13
CA ARG B 80 -21.73 -31.06 -5.80
C ARG B 80 -21.63 -32.48 -5.27
N GLY B 81 -20.93 -32.63 -4.15
CA GLY B 81 -20.71 -33.93 -3.56
C GLY B 81 -19.56 -34.71 -4.15
N VAL B 82 -18.75 -34.08 -4.99
CA VAL B 82 -17.64 -34.77 -5.64
C VAL B 82 -16.35 -33.97 -5.48
N ASP B 83 -16.35 -32.72 -5.94
CA ASP B 83 -15.12 -31.95 -6.17
C ASP B 83 -14.23 -31.83 -4.92
N ASP B 84 -14.79 -31.94 -3.72
CA ASP B 84 -14.08 -31.89 -2.44
C ASP B 84 -13.29 -30.61 -2.24
N GLY B 85 -13.30 -29.71 -3.22
CA GLY B 85 -12.72 -28.39 -3.07
C GLY B 85 -13.81 -27.33 -3.03
N LEU B 86 -15.02 -27.69 -3.48
CA LEU B 86 -16.14 -26.75 -3.53
C LEU B 86 -16.64 -26.43 -2.13
N ASP B 87 -16.50 -25.16 -1.74
CA ASP B 87 -16.92 -24.68 -0.43
C ASP B 87 -18.34 -24.16 -0.58
N ILE B 88 -19.32 -24.97 -0.22
CA ILE B 88 -20.70 -24.56 -0.51
C ILE B 88 -21.57 -24.79 0.71
N PRO B 89 -21.81 -23.74 1.50
CA PRO B 89 -22.74 -23.86 2.63
C PRO B 89 -24.19 -23.71 2.16
N VAL B 90 -25.10 -24.18 3.00
CA VAL B 90 -26.52 -23.90 2.73
C VAL B 90 -26.71 -22.39 2.60
N PRO B 91 -27.62 -21.91 1.74
CA PRO B 91 -27.57 -20.48 1.38
C PRO B 91 -27.80 -19.53 2.55
N GLU B 92 -28.53 -19.94 3.59
CA GLU B 92 -28.75 -19.06 4.74
C GLU B 92 -27.52 -18.91 5.62
N LEU B 93 -26.52 -19.77 5.47
CA LEU B 93 -25.27 -19.56 6.18
C LEU B 93 -24.21 -18.91 5.32
N ARG B 94 -24.41 -18.83 4.00
CA ARG B 94 -23.41 -18.17 3.17
C ARG B 94 -23.12 -16.74 3.57
N PRO B 95 -24.11 -15.92 3.99
CA PRO B 95 -23.77 -14.59 4.51
C PRO B 95 -22.88 -14.63 5.75
N PHE B 96 -22.68 -15.78 6.38
CA PHE B 96 -21.83 -15.88 7.55
C PHE B 96 -20.50 -16.60 7.28
N THR B 97 -20.15 -16.85 6.02
CA THR B 97 -18.89 -17.51 5.70
C THR B 97 -18.09 -16.64 4.73
N LEU B 98 -16.94 -16.13 5.21
CA LEU B 98 -16.16 -15.17 4.43
C LEU B 98 -15.87 -15.67 3.02
N ILE B 99 -15.54 -16.95 2.86
CA ILE B 99 -15.08 -17.42 1.57
C ILE B 99 -16.19 -17.59 0.54
N ALA B 100 -17.46 -17.50 0.94
CA ALA B 100 -18.55 -17.82 0.03
C ALA B 100 -19.27 -16.60 -0.54
N VAL B 101 -18.76 -15.39 -0.31
CA VAL B 101 -19.46 -14.18 -0.76
C VAL B 101 -18.45 -13.15 -1.24
N ASP B 102 -18.95 -12.19 -2.03
CA ASP B 102 -18.24 -10.98 -2.42
C ASP B 102 -19.16 -9.79 -2.20
N GLY B 103 -18.86 -8.64 -2.79
CA GLY B 103 -19.78 -7.53 -2.65
C GLY B 103 -19.91 -7.09 -1.20
N GLU B 104 -20.96 -6.31 -0.93
CA GLU B 104 -21.10 -5.76 0.42
C GLU B 104 -21.36 -6.85 1.45
N ALA B 105 -21.90 -8.01 1.06
CA ALA B 105 -22.01 -9.13 1.99
C ALA B 105 -20.66 -9.56 2.52
N HIS B 106 -19.61 -9.46 1.68
CA HIS B 106 -18.27 -9.84 2.06
C HIS B 106 -17.57 -8.73 2.83
N ARG B 107 -17.77 -7.48 2.42
CA ARG B 107 -17.23 -6.36 3.19
C ARG B 107 -17.84 -6.32 4.59
N ARG B 108 -19.10 -6.73 4.72
CA ARG B 108 -19.71 -6.80 6.05
C ARG B 108 -18.97 -7.79 6.93
N LEU B 109 -18.67 -8.98 6.39
CA LEU B 109 -17.92 -9.96 7.17
C LEU B 109 -16.52 -9.43 7.49
N ARG B 110 -15.89 -8.72 6.55
CA ARG B 110 -14.54 -8.22 6.81
C ARG B 110 -14.54 -7.18 7.91
N ARG B 111 -15.57 -6.31 7.94
CA ARG B 111 -15.68 -5.35 9.05
C ARG B 111 -15.86 -6.07 10.37
N ILE B 112 -16.58 -7.19 10.36
CA ILE B 112 -16.81 -7.90 11.63
C ILE B 112 -15.51 -8.48 12.17
N HIS B 113 -14.66 -9.04 11.29
CA HIS B 113 -13.45 -9.74 11.74
C HIS B 113 -12.28 -8.81 12.00
N ALA B 114 -12.24 -7.65 11.34
CA ALA B 114 -11.03 -6.82 11.32
C ALA B 114 -10.54 -6.43 12.70
N PRO B 115 -11.35 -5.92 13.62
CA PRO B 115 -10.82 -5.61 14.96
C PRO B 115 -10.27 -6.82 15.69
N ALA B 116 -10.82 -8.02 15.45
CA ALA B 116 -10.34 -9.22 16.14
C ALA B 116 -8.91 -9.59 15.76
N PHE B 117 -8.41 -9.11 14.62
CA PHE B 117 -7.07 -9.45 14.17
C PHE B 117 -6.15 -8.23 14.09
N ASN B 118 -6.43 -7.21 14.89
CA ASN B 118 -5.56 -6.05 14.97
C ASN B 118 -4.19 -6.44 15.51
N PRO B 119 -3.10 -6.14 14.79
CA PRO B 119 -1.77 -6.63 15.22
C PRO B 119 -1.37 -6.18 16.62
N ARG B 120 -1.83 -5.01 17.07
CA ARG B 120 -1.50 -4.54 18.42
C ARG B 120 -2.10 -5.46 19.47
N ARG B 121 -3.36 -5.82 19.31
CA ARG B 121 -3.99 -6.73 20.26
C ARG B 121 -3.38 -8.12 20.16
N LEU B 122 -3.00 -8.53 18.95
CA LEU B 122 -2.35 -9.84 18.78
C LEU B 122 -1.01 -9.89 19.50
N ALA B 123 -0.20 -8.83 19.38
CA ALA B 123 1.12 -8.84 20.01
C ALA B 123 1.03 -8.92 21.52
N GLU B 124 -0.05 -8.41 22.12
CA GLU B 124 -0.19 -8.54 23.57
C GLU B 124 -0.30 -10.00 24.01
N ARG B 125 -0.54 -10.93 23.09
CA ARG B 125 -0.68 -12.35 23.42
C ARG B 125 0.63 -13.12 23.23
N THR B 126 1.73 -12.42 22.94
CA THR B 126 2.96 -13.07 22.51
C THR B 126 3.49 -14.05 23.55
N ASP B 127 3.57 -13.62 24.82
CA ASP B 127 4.10 -14.48 25.88
C ASP B 127 3.24 -15.73 26.04
N ARG B 128 1.93 -15.58 25.91
CA ARG B 128 1.04 -16.71 26.03
C ARG B 128 1.24 -17.69 24.88
N ILE B 129 1.49 -17.17 23.68
CA ILE B 129 1.80 -18.02 22.55
C ILE B 129 3.13 -18.74 22.78
N ALA B 130 4.14 -18.02 23.29
CA ALA B 130 5.41 -18.64 23.61
C ALA B 130 5.22 -19.78 24.60
N ALA B 131 4.36 -19.58 25.60
CA ALA B 131 4.21 -20.59 26.64
C ALA B 131 3.48 -21.82 26.13
N ILE B 132 2.53 -21.65 25.22
CA ILE B 132 1.90 -22.82 24.59
C ILE B 132 2.93 -23.60 23.79
N ALA B 133 3.74 -22.91 23.00
CA ALA B 133 4.74 -23.62 22.21
C ALA B 133 5.76 -24.32 23.11
N GLY B 134 6.20 -23.65 24.17
CA GLY B 134 7.19 -24.24 25.06
C GLY B 134 6.67 -25.46 25.79
N ARG B 135 5.40 -25.44 26.17
CA ARG B 135 4.82 -26.57 26.88
C ARG B 135 4.71 -27.78 25.96
N LEU B 136 4.29 -27.58 24.70
CA LEU B 136 4.20 -28.70 23.79
C LEU B 136 5.57 -29.29 23.49
N LEU B 137 6.58 -28.44 23.30
CA LEU B 137 7.92 -28.91 22.98
C LEU B 137 8.59 -29.62 24.17
N THR B 138 8.37 -29.13 25.40
CA THR B 138 8.88 -29.81 26.58
C THR B 138 8.27 -31.20 26.73
N GLU B 139 6.96 -31.33 26.53
CA GLU B 139 6.34 -32.66 26.65
C GLU B 139 6.87 -33.61 25.57
N LEU B 140 7.08 -33.09 24.35
CA LEU B 140 7.63 -33.95 23.30
C LEU B 140 9.07 -34.34 23.59
N ALA B 141 9.85 -33.42 24.17
CA ALA B 141 11.25 -33.69 24.43
C ALA B 141 11.42 -34.70 25.56
N ASP B 142 10.67 -34.52 26.67
CA ASP B 142 10.65 -35.50 27.76
C ASP B 142 10.27 -36.89 27.24
N ALA B 143 9.22 -36.97 26.41
CA ALA B 143 8.77 -38.26 25.91
C ALA B 143 9.82 -38.90 25.01
N SER B 144 10.50 -38.08 24.20
CA SER B 144 11.57 -38.60 23.35
C SER B 144 12.72 -39.16 24.19
N GLY B 145 13.03 -38.51 25.31
CA GLY B 145 14.05 -39.04 26.21
C GLY B 145 13.69 -40.42 26.75
N ARG B 146 12.42 -40.60 27.14
CA ARG B 146 11.98 -41.86 27.72
C ARG B 146 11.87 -42.96 26.68
N SER B 147 11.39 -42.64 25.47
CA SER B 147 11.21 -43.66 24.45
C SER B 147 12.51 -44.00 23.73
N GLY B 148 13.49 -43.12 23.76
CA GLY B 148 14.66 -43.31 22.91
C GLY B 148 14.40 -43.18 21.43
N LYS B 149 13.32 -42.50 21.03
CA LYS B 149 12.99 -42.26 19.64
C LYS B 149 12.81 -40.76 19.36
N PRO B 150 13.05 -40.32 18.13
CA PRO B 150 12.89 -38.89 17.82
C PRO B 150 11.47 -38.43 18.09
N ALA B 151 11.35 -37.18 18.49
CA ALA B 151 10.04 -36.53 18.49
C ALA B 151 9.60 -36.32 17.05
N GLU B 152 8.32 -36.59 16.78
CA GLU B 152 7.75 -36.48 15.43
C GLU B 152 6.91 -35.20 15.42
N LEU B 153 7.46 -34.11 14.84
CA LEU B 153 6.86 -32.80 15.05
C LEU B 153 5.58 -32.56 14.24
N ILE B 154 5.33 -33.29 13.16
CA ILE B 154 4.09 -33.08 12.41
C ILE B 154 2.89 -33.45 13.28
N GLY B 155 2.81 -34.73 13.68
CA GLY B 155 1.70 -35.21 14.47
C GLY B 155 1.65 -34.67 15.88
N GLY B 156 2.78 -34.19 16.39
CA GLY B 156 2.85 -33.82 17.79
C GLY B 156 2.95 -32.34 18.10
N PHE B 157 3.22 -31.51 17.10
CA PHE B 157 3.33 -30.09 17.42
C PHE B 157 2.75 -29.18 16.34
N ALA B 158 2.96 -29.54 15.07
CA ALA B 158 2.69 -28.59 13.99
C ALA B 158 1.23 -28.13 13.97
N TYR B 159 0.28 -29.03 14.17
CA TYR B 159 -1.13 -28.62 14.18
C TYR B 159 -1.61 -28.22 15.58
N HIS B 160 -1.13 -28.90 16.64
CA HIS B 160 -1.63 -28.63 17.99
C HIS B 160 -1.31 -27.20 18.42
N PHE B 161 -0.13 -26.71 18.05
CA PHE B 161 0.28 -25.37 18.47
C PHE B 161 -0.66 -24.28 17.95
N PRO B 162 -0.87 -24.12 16.63
CA PRO B 162 -1.82 -23.10 16.18
C PRO B 162 -3.26 -23.36 16.59
N LEU B 163 -3.68 -24.62 16.70
CA LEU B 163 -5.05 -24.92 17.15
C LEU B 163 -5.26 -24.42 18.57
N LEU B 164 -4.30 -24.68 19.45
CA LEU B 164 -4.40 -24.20 20.82
C LEU B 164 -4.40 -22.67 20.87
N VAL B 165 -3.62 -22.02 20.01
CA VAL B 165 -3.58 -20.56 20.02
C VAL B 165 -4.94 -19.98 19.63
N ILE B 166 -5.48 -20.41 18.48
CA ILE B 166 -6.73 -19.80 18.01
C ILE B 166 -7.87 -20.11 18.99
N CYS B 167 -7.92 -21.33 19.54
CA CYS B 167 -8.96 -21.65 20.51
C CYS B 167 -8.82 -20.78 21.75
N GLU B 168 -7.60 -20.59 22.25
CA GLU B 168 -7.44 -19.74 23.42
C GLU B 168 -7.87 -18.32 23.12
N LEU B 169 -7.46 -17.78 21.96
CA LEU B 169 -7.84 -16.42 21.57
C LEU B 169 -9.36 -16.26 21.59
N LEU B 170 -10.09 -17.29 21.19
CA LEU B 170 -11.54 -17.27 21.13
C LEU B 170 -12.21 -17.70 22.44
N GLY B 171 -11.42 -18.02 23.47
CA GLY B 171 -12.02 -18.46 24.72
C GLY B 171 -12.59 -19.86 24.70
N VAL B 172 -12.04 -20.75 23.88
CA VAL B 172 -12.51 -22.13 23.81
C VAL B 172 -11.48 -23.04 24.47
N PRO B 173 -11.70 -23.50 25.70
CA PRO B 173 -10.68 -24.32 26.38
C PRO B 173 -10.63 -25.73 25.82
N VAL B 174 -9.54 -26.03 25.09
CA VAL B 174 -9.30 -27.36 24.55
C VAL B 174 -8.38 -28.10 25.48
N THR B 175 -8.68 -29.37 25.74
CA THR B 175 -7.80 -30.23 26.51
C THR B 175 -7.13 -31.31 25.68
N ASP B 176 -7.77 -31.77 24.61
CA ASP B 176 -7.22 -32.82 23.76
C ASP B 176 -7.07 -32.23 22.35
N PRO B 177 -5.89 -31.68 22.03
CA PRO B 177 -5.74 -31.03 20.70
C PRO B 177 -5.99 -31.95 19.53
N ALA B 178 -5.59 -33.22 19.64
CA ALA B 178 -5.85 -34.19 18.56
C ALA B 178 -7.34 -34.45 18.40
N MET B 179 -8.06 -34.55 19.52
CA MET B 179 -9.51 -34.75 19.47
C MET B 179 -10.21 -33.51 18.91
N ALA B 180 -9.88 -32.34 19.45
CA ALA B 180 -10.41 -31.08 18.94
C ALA B 180 -10.20 -30.96 17.44
N ARG B 181 -8.99 -31.28 16.96
CA ARG B 181 -8.71 -31.20 15.53
C ARG B 181 -9.65 -32.08 14.73
N GLU B 182 -9.78 -33.34 15.13
CA GLU B 182 -10.70 -34.26 14.46
C GLU B 182 -12.13 -33.74 14.51
N ALA B 183 -12.58 -33.26 15.67
CA ALA B 183 -13.95 -32.77 15.81
C ALA B 183 -14.21 -31.54 14.94
N VAL B 184 -13.37 -30.51 15.04
CA VAL B 184 -13.61 -29.30 14.26
C VAL B 184 -13.51 -29.58 12.78
N SER B 185 -12.69 -30.55 12.39
CA SER B 185 -12.53 -30.86 10.98
C SER B 185 -13.82 -31.39 10.38
N VAL B 186 -14.59 -32.16 11.16
CA VAL B 186 -15.82 -32.70 10.58
C VAL B 186 -16.91 -31.63 10.59
N LEU B 187 -16.99 -30.81 11.64
CA LEU B 187 -17.88 -29.65 11.63
C LEU B 187 -17.63 -28.78 10.40
N LYS B 188 -16.36 -28.55 10.08
CA LYS B 188 -16.01 -27.81 8.87
C LYS B 188 -16.59 -28.45 7.62
N ALA B 189 -16.50 -29.77 7.53
CA ALA B 189 -16.98 -30.49 6.35
C ALA B 189 -18.48 -30.32 6.16
N LEU B 190 -19.25 -30.46 7.25
CA LEU B 190 -20.70 -30.25 7.16
C LEU B 190 -21.02 -28.82 6.74
N GLY B 191 -20.35 -27.84 7.35
CA GLY B 191 -20.65 -26.46 7.03
C GLY B 191 -20.38 -26.06 5.59
N LEU B 192 -19.45 -26.72 4.92
CA LEU B 192 -19.08 -26.32 3.55
C LEU B 192 -19.66 -27.27 2.49
N PRO B 210 -18.70 -38.66 13.82
CA PRO B 210 -18.14 -39.53 14.85
C PRO B 210 -17.57 -38.74 16.04
N ASP B 211 -18.15 -37.58 16.34
CA ASP B 211 -17.63 -36.67 17.37
C ASP B 211 -18.63 -35.53 17.56
N THR B 212 -18.12 -34.29 17.57
CA THR B 212 -18.92 -33.05 17.54
C THR B 212 -19.95 -32.98 18.66
N SER B 213 -19.59 -33.48 19.84
CA SER B 213 -20.44 -33.30 21.01
C SER B 213 -19.77 -32.43 22.05
N ALA B 214 -18.65 -32.88 22.63
CA ALA B 214 -17.95 -32.06 23.60
C ALA B 214 -17.48 -30.76 22.98
N LEU B 215 -17.04 -30.80 21.71
CA LEU B 215 -16.55 -29.59 21.07
C LEU B 215 -17.69 -28.62 20.80
N GLU B 216 -18.82 -29.12 20.28
CA GLU B 216 -19.94 -28.25 19.99
C GLU B 216 -20.44 -27.53 21.24
N SER B 217 -20.32 -28.17 22.41
CA SER B 217 -20.71 -27.51 23.64
C SER B 217 -19.65 -26.55 24.13
N LEU B 218 -18.36 -26.83 23.87
CA LEU B 218 -17.33 -25.86 24.21
C LEU B 218 -17.53 -24.57 23.42
N LEU B 219 -17.80 -24.70 22.12
CA LEU B 219 -18.06 -23.53 21.28
C LEU B 219 -19.25 -22.72 21.78
N LEU B 220 -20.37 -23.42 22.03
CA LEU B 220 -21.58 -22.77 22.52
C LEU B 220 -21.33 -22.05 23.84
N GLU B 221 -20.57 -22.68 24.75
CA GLU B 221 -20.24 -22.01 26.01
C GLU B 221 -19.36 -20.78 25.79
N ALA B 222 -18.39 -20.86 24.87
CA ALA B 222 -17.58 -19.67 24.60
C ALA B 222 -18.46 -18.54 24.08
N VAL B 223 -19.46 -18.85 23.26
CA VAL B 223 -20.33 -17.80 22.76
C VAL B 223 -21.22 -17.26 23.87
N HIS B 224 -21.75 -18.14 24.74
CA HIS B 224 -22.62 -17.66 25.81
C HIS B 224 -21.88 -16.73 26.76
N SER B 225 -20.62 -17.01 27.05
CA SER B 225 -19.90 -16.10 27.94
C SER B 225 -19.48 -14.83 27.22
N ALA B 226 -19.18 -14.92 25.91
CA ALA B 226 -18.92 -13.71 25.15
C ALA B 226 -20.14 -12.81 25.13
N ARG B 227 -21.32 -13.38 24.93
CA ARG B 227 -22.54 -12.60 24.95
C ARG B 227 -22.80 -12.03 26.34
N ARG B 228 -22.43 -12.77 27.39
CA ARG B 228 -22.83 -12.41 28.76
C ARG B 228 -21.82 -11.55 29.50
N ASN B 229 -20.57 -11.50 29.05
CA ASN B 229 -19.51 -10.83 29.81
C ASN B 229 -18.86 -9.75 28.96
N ASP B 230 -18.69 -8.57 29.57
CA ASP B 230 -18.15 -7.41 28.87
C ASP B 230 -16.72 -7.66 28.42
N THR B 231 -15.97 -8.53 29.11
CA THR B 231 -14.54 -8.69 28.87
C THR B 231 -14.25 -8.86 27.39
N PRO B 232 -13.56 -7.87 26.76
CA PRO B 232 -13.32 -7.92 25.32
C PRO B 232 -12.33 -8.97 24.85
N THR B 233 -12.78 -10.22 24.75
CA THR B 233 -12.09 -11.29 24.07
C THR B 233 -12.30 -11.18 22.55
N MET B 234 -11.56 -11.97 21.78
CA MET B 234 -11.78 -12.02 20.34
C MET B 234 -13.25 -12.31 20.02
N THR B 235 -13.82 -13.31 20.69
CA THR B 235 -15.21 -13.67 20.44
C THR B 235 -16.16 -12.55 20.82
N ARG B 236 -15.82 -11.79 21.87
CA ARG B 236 -16.63 -10.65 22.26
C ARG B 236 -16.74 -9.62 21.14
N VAL B 237 -15.61 -9.28 20.49
CA VAL B 237 -15.68 -8.27 19.44
C VAL B 237 -16.41 -8.80 18.21
N LEU B 238 -16.25 -10.09 17.90
CA LEU B 238 -16.99 -10.66 16.77
C LEU B 238 -18.49 -10.51 17.01
N TYR B 239 -18.93 -10.88 18.21
CA TYR B 239 -20.34 -10.74 18.60
C TYR B 239 -20.82 -9.31 18.44
N GLU B 240 -20.09 -8.35 19.00
CA GLU B 240 -20.54 -6.96 19.01
C GLU B 240 -20.65 -6.41 17.59
N ARG B 241 -19.62 -6.64 16.78
CA ARG B 241 -19.67 -6.19 15.40
C ARG B 241 -20.81 -6.87 14.65
N ALA B 242 -20.98 -8.18 14.85
CA ALA B 242 -21.98 -8.93 14.09
C ALA B 242 -23.38 -8.51 14.47
N GLN B 243 -23.62 -8.31 15.77
CA GLN B 243 -24.92 -7.86 16.22
C GLN B 243 -25.30 -6.52 15.61
N ALA B 244 -24.32 -5.61 15.47
CA ALA B 244 -24.60 -4.29 14.90
C ALA B 244 -24.75 -4.33 13.39
N GLU B 245 -24.04 -5.25 12.71
CA GLU B 245 -24.14 -5.30 11.26
C GLU B 245 -25.40 -6.03 10.79
N PHE B 246 -25.80 -7.08 11.51
CA PHE B 246 -26.97 -7.88 11.15
C PHE B 246 -28.22 -7.52 11.94
N GLY B 247 -28.11 -6.58 12.89
CA GLY B 247 -29.22 -6.25 13.75
C GLY B 247 -29.35 -7.23 14.90
N SER B 248 -29.52 -8.51 14.59
CA SER B 248 -29.41 -9.52 15.63
C SER B 248 -28.77 -10.76 15.03
N VAL B 249 -28.07 -11.50 15.87
CA VAL B 249 -27.32 -12.67 15.43
C VAL B 249 -27.58 -13.76 16.45
N SER B 250 -27.77 -15.00 15.98
CA SER B 250 -28.05 -16.10 16.88
C SER B 250 -26.76 -16.76 17.38
N ASP B 251 -26.94 -17.64 18.37
CA ASP B 251 -25.82 -18.40 18.89
C ASP B 251 -25.34 -19.42 17.87
N ASP B 252 -26.27 -19.99 17.08
CA ASP B 252 -25.87 -20.90 16.03
C ASP B 252 -24.98 -20.22 15.01
N GLN B 253 -25.30 -18.98 14.64
CA GLN B 253 -24.54 -18.28 13.62
C GLN B 253 -23.16 -17.90 14.13
N LEU B 254 -23.05 -17.50 15.39
CA LEU B 254 -21.75 -17.18 15.96
C LEU B 254 -20.90 -18.44 16.13
N VAL B 255 -21.49 -19.50 16.71
CA VAL B 255 -20.81 -20.77 16.79
C VAL B 255 -20.28 -21.19 15.43
N TYR B 256 -21.08 -20.99 14.38
CA TYR B 256 -20.67 -21.38 13.03
C TYR B 256 -19.48 -20.56 12.55
N MET B 257 -19.45 -19.27 12.91
CA MET B 257 -18.38 -18.42 12.42
C MET B 257 -17.04 -18.72 13.09
N ILE B 258 -17.04 -18.95 14.40
CA ILE B 258 -15.77 -19.25 15.06
C ILE B 258 -15.32 -20.67 14.78
N THR B 259 -16.21 -21.53 14.28
CA THR B 259 -15.78 -22.84 13.80
C THR B 259 -14.91 -22.69 12.56
N GLY B 260 -15.34 -21.84 11.61
CA GLY B 260 -14.51 -21.59 10.46
C GLY B 260 -13.17 -20.96 10.81
N LEU B 261 -13.18 -19.99 11.73
CA LEU B 261 -11.92 -19.40 12.15
C LEU B 261 -11.01 -20.44 12.78
N ILE B 262 -11.56 -21.41 13.53
CA ILE B 262 -10.70 -22.40 14.16
C ILE B 262 -10.07 -23.28 13.09
N PHE B 263 -10.83 -23.68 12.08
CA PHE B 263 -10.24 -24.50 11.05
C PHE B 263 -9.27 -23.70 10.18
N ALA B 264 -9.70 -22.55 9.65
CA ALA B 264 -8.79 -21.71 8.87
C ALA B 264 -7.60 -21.22 9.70
N GLY B 265 -7.71 -21.29 11.03
CA GLY B 265 -6.65 -20.79 11.89
C GLY B 265 -5.55 -21.79 12.22
N HIS B 266 -5.71 -23.07 11.86
CA HIS B 266 -4.71 -24.04 12.27
C HIS B 266 -4.28 -24.99 11.14
N ASP B 267 -5.15 -25.24 10.15
CA ASP B 267 -4.77 -26.24 9.14
C ASP B 267 -3.69 -25.71 8.18
N THR B 268 -3.92 -24.53 7.57
CA THR B 268 -2.88 -23.90 6.75
C THR B 268 -1.64 -23.57 7.58
N THR B 269 -1.83 -23.13 8.82
CA THR B 269 -0.67 -22.78 9.63
C THR B 269 0.15 -24.02 9.98
N GLY B 270 -0.53 -25.13 10.31
CA GLY B 270 0.20 -26.33 10.72
C GLY B 270 0.94 -26.97 9.57
N SER B 271 0.37 -26.93 8.37
CA SER B 271 1.11 -27.37 7.19
C SER B 271 2.36 -26.51 6.97
N PHE B 272 2.22 -25.18 7.02
CA PHE B 272 3.39 -24.34 6.82
C PHE B 272 4.41 -24.54 7.95
N LEU B 273 3.95 -24.63 9.20
CA LEU B 273 4.92 -24.71 10.30
C LEU B 273 5.77 -25.98 10.20
N GLY B 274 5.20 -27.07 9.66
CA GLY B 274 5.99 -28.26 9.44
C GLY B 274 7.17 -28.02 8.51
N PHE B 275 6.91 -27.35 7.38
CA PHE B 275 8.01 -27.02 6.47
C PHE B 275 8.97 -26.01 7.10
N LEU B 276 8.43 -25.02 7.84
CA LEU B 276 9.31 -24.01 8.46
C LEU B 276 10.23 -24.65 9.49
N LEU B 277 9.68 -25.55 10.32
CA LEU B 277 10.48 -26.33 11.26
C LEU B 277 11.62 -27.08 10.56
N ALA B 278 11.32 -27.72 9.43
CA ALA B 278 12.35 -28.44 8.68
C ALA B 278 13.47 -27.51 8.22
N GLU B 279 13.13 -26.32 7.71
CA GLU B 279 14.20 -25.42 7.24
C GLU B 279 15.03 -24.91 8.41
N VAL B 280 14.38 -24.58 9.52
CA VAL B 280 15.13 -24.09 10.68
C VAL B 280 16.03 -25.19 11.24
N LEU B 281 15.46 -26.38 11.44
CA LEU B 281 16.17 -27.42 12.17
C LEU B 281 17.23 -28.10 11.32
N ALA B 282 17.18 -27.93 9.99
CA ALA B 282 18.32 -28.36 9.18
C ALA B 282 19.50 -27.44 9.32
N GLY B 283 19.44 -26.47 10.23
CA GLY B 283 20.55 -25.57 10.47
C GLY B 283 20.64 -24.34 9.56
N ARG B 284 19.68 -24.13 8.66
CA ARG B 284 19.83 -23.02 7.73
C ARG B 284 19.64 -21.62 8.36
N LEU B 285 19.36 -21.48 9.66
CA LEU B 285 19.16 -20.18 10.30
C LEU B 285 20.14 -19.99 11.45
N ALA B 286 20.91 -18.89 11.41
CA ALA B 286 21.93 -18.63 12.41
C ALA B 286 21.32 -18.60 13.82
N ALA B 287 22.03 -19.20 14.78
CA ALA B 287 21.56 -19.17 16.16
C ALA B 287 21.55 -17.75 16.74
N ASP B 288 22.22 -16.81 16.09
CA ASP B 288 22.32 -15.42 16.55
C ASP B 288 21.59 -14.45 15.64
N ALA B 289 20.77 -14.94 14.70
CA ALA B 289 20.06 -14.08 13.78
C ALA B 289 19.22 -13.02 14.52
N ASP B 290 19.30 -11.77 14.08
CA ASP B 290 18.46 -10.75 14.69
C ASP B 290 17.03 -10.85 14.15
N GLU B 291 16.16 -9.95 14.61
CA GLU B 291 14.74 -10.03 14.27
C GLU B 291 14.50 -9.93 12.77
N ASP B 292 15.20 -9.01 12.08
CA ASP B 292 15.02 -8.88 10.64
C ASP B 292 15.45 -10.15 9.91
N ALA B 293 16.56 -10.76 10.35
CA ALA B 293 17.04 -11.99 9.73
C ALA B 293 16.03 -13.13 9.91
N VAL B 294 15.38 -13.21 11.08
CA VAL B 294 14.39 -14.25 11.31
C VAL B 294 13.16 -14.05 10.42
N SER B 295 12.64 -12.82 10.37
CA SER B 295 11.45 -12.59 9.55
C SER B 295 11.73 -12.77 8.07
N ARG B 296 12.95 -12.46 7.61
CA ARG B 296 13.29 -12.74 6.22
C ARG B 296 13.41 -14.25 5.96
N PHE B 297 13.90 -15.02 6.94
CA PHE B 297 13.92 -16.48 6.82
C PHE B 297 12.49 -17.04 6.72
N VAL B 298 11.57 -16.47 7.50
CA VAL B 298 10.17 -16.88 7.44
C VAL B 298 9.55 -16.50 6.09
N GLU B 299 9.80 -15.27 5.63
CA GLU B 299 9.33 -14.83 4.31
C GLU B 299 9.73 -15.82 3.23
N GLU B 300 11.03 -16.14 3.12
CA GLU B 300 11.48 -17.09 2.11
C GLU B 300 10.83 -18.46 2.30
N ALA B 301 10.63 -18.89 3.56
CA ALA B 301 9.95 -20.17 3.76
C ALA B 301 8.53 -20.10 3.23
N LEU B 302 7.88 -18.94 3.36
CA LEU B 302 6.51 -18.79 2.89
C LEU B 302 6.44 -18.81 1.36
N ARG B 303 7.41 -18.20 0.67
CA ARG B 303 7.45 -18.33 -0.79
C ARG B 303 7.72 -19.78 -1.20
N TYR B 304 8.61 -20.44 -0.48
CA TYR B 304 9.16 -21.72 -0.93
C TYR B 304 8.22 -22.88 -0.66
N HIS B 305 7.47 -22.84 0.44
CA HIS B 305 6.62 -23.95 0.86
C HIS B 305 5.20 -23.46 1.13
N PRO B 306 4.48 -23.01 0.10
CA PRO B 306 3.09 -22.58 0.30
C PRO B 306 2.20 -23.78 0.58
N PRO B 307 1.41 -23.76 1.68
CA PRO B 307 0.54 -24.91 1.97
C PRO B 307 -0.67 -25.01 1.05
N VAL B 308 -1.12 -23.89 0.49
CA VAL B 308 -2.27 -23.87 -0.43
C VAL B 308 -1.71 -23.71 -1.85
N PRO B 309 -1.87 -24.71 -2.72
CA PRO B 309 -1.23 -24.63 -4.05
C PRO B 309 -1.91 -23.70 -5.04
N TYR B 310 -3.23 -23.59 -4.94
CA TYR B 310 -4.07 -22.74 -5.79
C TYR B 310 -5.10 -22.02 -4.92
N THR B 311 -5.46 -20.80 -5.33
CA THR B 311 -6.55 -20.08 -4.69
C THR B 311 -7.85 -20.88 -4.78
N LEU B 312 -8.79 -20.56 -3.88
CA LEU B 312 -10.09 -21.22 -3.88
C LEU B 312 -10.83 -20.90 -5.17
N TRP B 313 -11.76 -21.77 -5.54
CA TRP B 313 -12.51 -21.63 -6.80
C TRP B 313 -13.11 -20.23 -6.95
N ARG B 314 -12.81 -19.60 -8.08
CA ARG B 314 -13.56 -18.46 -8.56
C ARG B 314 -14.21 -18.82 -9.88
N PHE B 315 -15.29 -18.10 -10.21
CA PHE B 315 -16.06 -18.31 -11.44
C PHE B 315 -16.35 -16.97 -12.11
N ALA B 316 -16.26 -16.95 -13.43
CA ALA B 316 -16.58 -15.72 -14.14
C ALA B 316 -18.08 -15.46 -14.06
N ALA B 317 -18.43 -14.24 -13.61
CA ALA B 317 -19.84 -13.89 -13.45
C ALA B 317 -20.49 -13.63 -14.80
N THR B 318 -19.81 -12.89 -15.69
CA THR B 318 -20.16 -12.78 -17.11
C THR B 318 -19.02 -13.34 -17.95
N GLU B 319 -19.16 -13.25 -19.27
CA GLU B 319 -18.05 -13.59 -20.16
C GLU B 319 -16.94 -12.58 -20.00
N VAL B 320 -15.70 -13.07 -19.88
CA VAL B 320 -14.54 -12.22 -19.68
C VAL B 320 -13.47 -12.61 -20.69
N THR B 321 -12.83 -11.61 -21.28
CA THR B 321 -11.59 -11.80 -21.99
C THR B 321 -10.45 -11.43 -21.05
N ILE B 322 -9.50 -12.35 -20.90
CA ILE B 322 -8.34 -12.14 -20.03
C ILE B 322 -7.17 -12.92 -20.62
N GLY B 323 -6.01 -12.28 -20.70
CA GLY B 323 -4.87 -12.85 -21.37
C GLY B 323 -5.07 -12.79 -22.87
N GLY B 324 -5.43 -13.91 -23.47
CA GLY B 324 -5.88 -13.90 -24.84
C GLY B 324 -7.17 -14.70 -24.94
N VAL B 325 -7.71 -15.05 -23.78
CA VAL B 325 -8.67 -16.14 -23.66
C VAL B 325 -10.05 -15.57 -23.39
N ARG B 326 -11.03 -16.13 -24.09
CA ARG B 326 -12.43 -15.77 -23.91
C ARG B 326 -13.07 -16.83 -23.03
N LEU B 327 -13.30 -16.49 -21.82
CA LEU B 327 -13.90 -17.42 -20.88
C LEU B 327 -15.41 -17.25 -20.88
N PRO B 328 -16.16 -18.35 -20.98
CA PRO B 328 -17.63 -18.25 -20.88
C PRO B 328 -18.06 -17.76 -19.51
N ARG B 329 -19.35 -17.45 -19.43
CA ARG B 329 -20.00 -17.33 -18.14
C ARG B 329 -19.82 -18.63 -17.37
N GLY B 330 -19.43 -18.54 -16.10
CA GLY B 330 -19.26 -19.71 -15.26
C GLY B 330 -17.94 -20.44 -15.41
N ALA B 331 -16.95 -19.86 -16.06
CA ALA B 331 -15.65 -20.53 -16.19
C ALA B 331 -14.98 -20.65 -14.82
N PRO B 332 -14.57 -21.85 -14.39
CA PRO B 332 -13.85 -21.98 -13.12
C PRO B 332 -12.37 -21.66 -13.30
N VAL B 333 -11.84 -20.79 -12.43
CA VAL B 333 -10.52 -20.20 -12.59
C VAL B 333 -9.69 -20.40 -11.31
N LEU B 334 -8.42 -20.77 -11.48
CA LEU B 334 -7.49 -20.96 -10.37
C LEU B 334 -6.25 -20.11 -10.60
N VAL B 335 -5.76 -19.51 -9.53
CA VAL B 335 -4.46 -18.84 -9.52
C VAL B 335 -3.41 -19.81 -8.98
N ASP B 336 -2.30 -19.95 -9.70
CA ASP B 336 -1.26 -20.93 -9.36
C ASP B 336 -0.31 -20.30 -8.35
N ILE B 337 -0.65 -20.46 -7.07
CA ILE B 337 0.22 -19.95 -6.02
C ILE B 337 1.58 -20.66 -6.08
N GLU B 338 1.55 -21.99 -6.04
CA GLU B 338 2.78 -22.76 -5.98
C GLU B 338 3.64 -22.53 -7.22
N GLY B 339 3.02 -22.39 -8.40
CA GLY B 339 3.79 -22.14 -9.62
C GLY B 339 4.38 -20.74 -9.69
N THR B 340 3.56 -19.71 -9.43
CA THR B 340 4.11 -18.37 -9.52
C THR B 340 5.17 -18.14 -8.47
N ASN B 341 4.95 -18.66 -7.25
CA ASN B 341 5.97 -18.55 -6.20
C ASN B 341 7.30 -19.16 -6.64
N THR B 342 7.29 -20.11 -7.57
CA THR B 342 8.53 -20.72 -8.04
C THR B 342 8.81 -20.41 -9.53
N ASP B 343 8.33 -19.26 -10.00
CA ASP B 343 8.54 -18.81 -11.37
C ASP B 343 9.97 -18.28 -11.53
N GLY B 344 10.79 -18.99 -12.29
CA GLY B 344 12.20 -18.60 -12.44
C GLY B 344 12.41 -17.32 -13.22
N ARG B 345 11.38 -16.86 -13.94
CA ARG B 345 11.47 -15.57 -14.62
C ARG B 345 11.52 -14.42 -13.63
N HIS B 346 10.93 -14.61 -12.44
CA HIS B 346 10.84 -13.58 -11.41
C HIS B 346 11.81 -13.80 -10.26
N HIS B 347 12.05 -15.05 -9.86
CA HIS B 347 12.96 -15.38 -8.78
C HIS B 347 14.17 -16.11 -9.35
N ASP B 348 15.36 -15.64 -9.02
CA ASP B 348 16.55 -16.31 -9.50
C ASP B 348 16.76 -17.62 -8.73
N ALA B 349 16.83 -18.75 -9.45
CA ALA B 349 16.95 -20.07 -8.85
C ALA B 349 15.74 -20.36 -7.97
N PRO B 350 14.54 -20.44 -8.55
CA PRO B 350 13.32 -20.47 -7.72
C PRO B 350 13.20 -21.67 -6.80
N HIS B 351 13.86 -22.81 -7.09
CA HIS B 351 13.76 -24.00 -6.27
C HIS B 351 14.91 -24.15 -5.27
N ALA B 352 15.61 -23.05 -4.98
CA ALA B 352 16.60 -23.02 -3.92
C ALA B 352 16.11 -22.12 -2.79
N PHE B 353 16.42 -22.51 -1.56
CA PHE B 353 16.07 -21.73 -0.38
C PHE B 353 17.13 -20.65 -0.19
N HIS B 354 16.76 -19.40 -0.47
CA HIS B 354 17.69 -18.26 -0.42
C HIS B 354 17.04 -17.15 0.39
N PRO B 355 17.21 -17.16 1.70
CA PRO B 355 16.51 -16.18 2.55
C PRO B 355 16.76 -14.73 2.17
N ASP B 356 17.95 -14.40 1.64
CA ASP B 356 18.28 -13.01 1.37
C ASP B 356 18.08 -12.63 -0.09
N ARG B 357 17.20 -13.34 -0.81
CA ARG B 357 17.00 -12.96 -2.21
C ARG B 357 16.38 -11.58 -2.28
N PRO B 358 16.66 -10.82 -3.36
CA PRO B 358 15.97 -9.54 -3.53
C PRO B 358 14.48 -9.79 -3.64
N SER B 359 13.83 -9.76 -2.47
CA SER B 359 12.43 -10.12 -2.22
C SER B 359 11.52 -9.62 -3.34
N TRP B 360 10.37 -10.27 -3.53
CA TRP B 360 9.56 -9.98 -4.70
C TRP B 360 8.10 -10.31 -4.43
N ARG B 361 7.40 -10.71 -5.48
CA ARG B 361 6.02 -11.11 -5.36
C ARG B 361 5.93 -12.49 -4.72
N ARG B 362 4.85 -12.72 -3.97
CA ARG B 362 4.40 -14.06 -3.61
C ARG B 362 2.89 -14.01 -3.45
N LEU B 363 2.25 -15.17 -3.62
CA LEU B 363 0.80 -15.27 -3.51
C LEU B 363 0.37 -16.25 -2.44
N THR B 364 1.27 -16.55 -1.49
CA THR B 364 1.01 -17.53 -0.43
C THR B 364 -0.25 -17.22 0.38
N PHE B 365 -0.55 -15.93 0.59
CA PHE B 365 -1.73 -15.49 1.33
C PHE B 365 -2.85 -14.95 0.42
N GLY B 366 -2.71 -15.07 -0.91
CA GLY B 366 -3.67 -14.50 -1.85
C GLY B 366 -3.37 -13.04 -2.16
N ASP B 367 -4.40 -12.35 -2.65
CA ASP B 367 -4.29 -10.92 -2.96
C ASP B 367 -5.69 -10.34 -3.12
N GLY B 368 -5.82 -9.05 -2.81
CA GLY B 368 -7.05 -8.32 -3.02
C GLY B 368 -8.05 -8.46 -1.87
N PRO B 369 -9.34 -8.55 -2.22
CA PRO B 369 -10.39 -8.53 -1.18
C PRO B 369 -10.41 -9.74 -0.26
N HIS B 370 -10.02 -10.92 -0.73
CA HIS B 370 -10.07 -12.13 0.11
C HIS B 370 -8.73 -12.47 0.73
N TYR B 371 -7.76 -11.53 0.71
CA TYR B 371 -6.45 -11.75 1.32
C TYR B 371 -6.61 -12.29 2.74
N CYS B 372 -5.78 -13.28 3.07
CA CYS B 372 -5.86 -13.96 4.35
C CYS B 372 -5.89 -12.97 5.49
N ILE B 373 -6.96 -13.02 6.28
CA ILE B 373 -7.05 -12.12 7.43
C ILE B 373 -6.11 -12.53 8.56
N GLY B 374 -5.68 -13.79 8.59
CA GLY B 374 -4.82 -14.25 9.67
C GLY B 374 -3.31 -14.10 9.49
N GLU B 375 -2.84 -13.41 8.45
CA GLU B 375 -1.40 -13.36 8.16
C GLU B 375 -0.61 -12.88 9.38
N GLN B 376 -1.04 -11.78 10.00
CA GLN B 376 -0.33 -11.26 11.15
C GLN B 376 -0.25 -12.27 12.28
N LEU B 377 -1.31 -13.07 12.48
CA LEU B 377 -1.23 -14.09 13.53
C LEU B 377 -0.22 -15.16 13.14
N ALA B 378 -0.28 -15.63 11.90
CA ALA B 378 0.61 -16.70 11.45
C ALA B 378 2.06 -16.26 11.52
N GLN B 379 2.32 -14.99 11.23
CA GLN B 379 3.68 -14.49 11.26
C GLN B 379 4.18 -14.36 12.68
N LEU B 380 3.29 -13.99 13.60
CA LEU B 380 3.66 -13.93 15.01
C LEU B 380 3.91 -15.34 15.56
N GLU B 381 3.03 -16.29 15.24
CA GLU B 381 3.24 -17.66 15.70
C GLU B 381 4.58 -18.18 15.19
N SER B 382 4.93 -17.84 13.94
CA SER B 382 6.17 -18.32 13.34
C SER B 382 7.39 -17.81 14.09
N ARG B 383 7.50 -16.50 14.30
CA ARG B 383 8.72 -16.01 14.92
C ARG B 383 8.75 -16.33 16.41
N THR B 384 7.59 -16.45 17.06
CA THR B 384 7.60 -16.85 18.46
C THR B 384 8.02 -18.32 18.60
N MET B 385 7.57 -19.17 17.67
CA MET B 385 8.04 -20.56 17.64
C MET B 385 9.56 -20.64 17.50
N ILE B 386 10.12 -19.90 16.53
CA ILE B 386 11.58 -19.85 16.36
C ILE B 386 12.27 -19.37 17.64
N GLY B 387 11.75 -18.30 18.26
CA GLY B 387 12.36 -17.82 19.50
C GLY B 387 12.28 -18.82 20.65
N VAL B 388 11.17 -19.55 20.74
CA VAL B 388 11.05 -20.60 21.77
C VAL B 388 12.11 -21.68 21.54
N LEU B 389 12.38 -22.03 20.27
CA LEU B 389 13.40 -23.05 19.97
C LEU B 389 14.80 -22.60 20.36
N ARG B 390 15.21 -21.40 19.95
CA ARG B 390 16.57 -20.94 20.27
C ARG B 390 16.74 -20.72 21.77
N SER B 391 15.67 -20.41 22.47
CA SER B 391 15.75 -20.07 23.88
C SER B 391 15.72 -21.30 24.80
N ARG B 392 14.82 -22.25 24.56
CA ARG B 392 14.64 -23.40 25.43
C ARG B 392 15.07 -24.72 24.82
N PHE B 393 15.45 -24.75 23.54
CA PHE B 393 15.90 -25.99 22.88
C PHE B 393 17.08 -25.70 21.96
N PRO B 394 18.15 -25.12 22.51
CA PRO B 394 19.25 -24.65 21.66
C PRO B 394 19.94 -25.72 20.85
N GLU B 395 19.82 -27.01 21.19
CA GLU B 395 20.51 -28.04 20.43
C GLU B 395 19.56 -28.84 19.52
N ALA B 396 18.32 -28.39 19.38
CA ALA B 396 17.36 -29.07 18.50
C ALA B 396 17.90 -29.16 17.08
N ARG B 397 17.56 -30.26 16.41
CA ARG B 397 18.15 -30.61 15.13
C ARG B 397 17.36 -31.76 14.54
N LEU B 398 17.40 -31.87 13.22
CA LEU B 398 16.78 -32.98 12.52
C LEU B 398 17.38 -34.29 12.98
N ALA B 399 16.56 -35.33 12.98
CA ALA B 399 16.99 -36.67 13.34
C ALA B 399 17.16 -37.54 12.11
N VAL B 400 16.88 -37.01 10.93
CA VAL B 400 17.21 -37.64 9.66
C VAL B 400 17.80 -36.59 8.75
N PRO B 401 18.45 -37.00 7.67
CA PRO B 401 18.95 -36.01 6.72
C PRO B 401 17.78 -35.28 6.07
N TYR B 402 18.01 -34.00 5.80
CA TYR B 402 17.02 -33.18 5.11
C TYR B 402 16.58 -33.82 3.79
N ASP B 403 17.52 -34.45 3.06
CA ASP B 403 17.21 -35.09 1.77
C ASP B 403 16.30 -36.31 1.91
N GLU B 404 16.11 -36.83 3.11
CA GLU B 404 15.20 -37.96 3.27
C GLU B 404 13.76 -37.53 3.57
N LEU B 405 13.53 -36.25 3.89
CA LEU B 405 12.18 -35.77 4.17
C LEU B 405 11.32 -35.84 2.92
N ARG B 406 10.00 -36.01 3.11
CA ARG B 406 9.05 -36.19 2.02
C ARG B 406 7.75 -35.48 2.35
N TRP B 407 7.08 -34.94 1.32
CA TRP B 407 5.77 -34.34 1.54
C TRP B 407 4.82 -34.64 0.38
N CYS B 408 3.53 -34.47 0.67
CA CYS B 408 2.48 -34.85 -0.27
C CYS B 408 1.22 -34.06 0.02
N ARG B 409 0.28 -34.11 -0.93
CA ARG B 409 -1.10 -33.69 -0.72
C ARG B 409 -1.98 -34.38 -1.74
N LYS B 410 -3.25 -34.54 -1.40
CA LYS B 410 -4.27 -35.10 -2.27
C LYS B 410 -5.41 -34.12 -2.42
N GLY B 411 -5.93 -34.00 -3.64
CA GLY B 411 -7.11 -33.19 -3.89
C GLY B 411 -6.92 -31.76 -3.45
N ALA B 412 -7.77 -31.30 -2.55
CA ALA B 412 -7.76 -29.91 -2.13
C ALA B 412 -7.13 -29.71 -0.75
N GLN B 413 -6.48 -30.72 -0.21
CA GLN B 413 -5.86 -30.60 1.10
C GLN B 413 -4.58 -29.77 1.02
N THR B 414 -4.18 -29.24 2.19
CA THR B 414 -2.90 -28.54 2.27
C THR B 414 -1.76 -29.53 2.19
N ALA B 415 -0.66 -29.12 1.56
CA ALA B 415 0.56 -29.92 1.53
C ALA B 415 1.05 -30.19 2.95
N ARG B 416 1.62 -31.38 3.17
CA ARG B 416 2.24 -31.63 4.46
C ARG B 416 3.35 -32.67 4.33
N LEU B 417 4.34 -32.54 5.22
CA LEU B 417 5.37 -33.57 5.38
C LEU B 417 4.74 -34.85 5.93
N THR B 418 5.31 -35.99 5.53
CA THR B 418 4.87 -37.27 6.06
C THR B 418 5.25 -37.43 7.52
N GLU B 419 6.37 -36.85 7.95
CA GLU B 419 6.85 -36.91 9.32
C GLU B 419 8.02 -35.95 9.41
N LEU B 420 8.39 -35.58 10.63
CA LEU B 420 9.54 -34.70 10.87
C LEU B 420 10.25 -35.14 12.13
N PRO B 421 11.14 -36.13 12.03
CA PRO B 421 11.82 -36.66 13.24
C PRO B 421 12.91 -35.70 13.72
N VAL B 422 12.84 -35.30 14.99
CA VAL B 422 13.70 -34.29 15.57
C VAL B 422 14.24 -34.75 16.91
N TRP B 423 15.52 -34.46 17.18
CA TRP B 423 16.04 -34.49 18.54
C TRP B 423 15.92 -33.08 19.10
N LEU B 424 15.13 -32.91 20.15
CA LEU B 424 14.94 -31.56 20.68
C LEU B 424 16.03 -31.15 21.64
N ARG B 425 16.72 -32.14 22.24
CA ARG B 425 17.86 -31.91 23.13
C ARG B 425 19.03 -32.79 22.70
CHA HEM C . 3.92 26.39 -10.41
CHB HEM C . 1.48 24.14 -6.82
CHC HEM C . 2.60 19.85 -8.78
CHD HEM C . 5.74 22.07 -11.74
C1A HEM C . 3.15 26.19 -9.27
C2A HEM C . 2.55 27.21 -8.43
C3A HEM C . 1.87 26.57 -7.44
C4A HEM C . 2.01 25.13 -7.63
CMA HEM C . 1.06 27.17 -6.26
CAA HEM C . 2.68 28.74 -8.72
CBA HEM C . 3.50 29.49 -7.67
CGA HEM C . 3.49 31.00 -7.94
O1A HEM C . 3.78 31.76 -6.99
O2A HEM C . 3.19 31.47 -9.07
C1B HEM C . 1.52 22.76 -7.03
C2B HEM C . 0.83 21.70 -6.28
C3B HEM C . 1.17 20.53 -6.82
C4B HEM C . 2.06 20.79 -7.94
CMB HEM C . -0.09 21.96 -5.08
CAB HEM C . 0.75 19.07 -6.48
CBB HEM C . -0.36 18.73 -5.81
C1C HEM C . 3.53 20.04 -9.79
C2C HEM C . 4.14 19.02 -10.64
C3C HEM C . 5.01 19.65 -11.46
C4C HEM C . 4.98 21.07 -11.13
CMC HEM C . 3.79 17.51 -10.58
CAC HEM C . 5.95 19.08 -12.56
CBC HEM C . 6.29 17.80 -12.64
C1D HEM C . 5.52 23.42 -11.65
C2D HEM C . 6.23 24.45 -12.39
C3D HEM C . 5.73 25.66 -12.05
C4D HEM C . 4.69 25.42 -11.06
CMD HEM C . 7.36 24.15 -13.39
CAD HEM C . 6.21 27.04 -12.57
CBD HEM C . 5.22 27.64 -13.57
CGD HEM C . 5.63 29.06 -13.95
O1D HEM C . 6.25 29.76 -13.13
O2D HEM C . 5.32 29.50 -15.10
NA HEM C . 2.80 24.95 -8.76
NB HEM C . 2.25 22.16 -8.02
NC HEM C . 4.07 21.26 -10.12
ND HEM C . 4.59 24.05 -10.85
FE HEM C . 3.24 23.04 -9.61
C1 DM1 D . 13.19 25.78 -13.15
C2 DM1 D . 14.53 25.64 -13.47
C3 DM1 D . 15.45 25.20 -12.54
C4 DM1 D . 15.04 24.91 -11.23
O4 DM1 D . 15.89 24.50 -10.29
C5 DM1 D . 13.67 25.07 -10.88
C6 DM1 D . 13.20 24.76 -9.49
O6 DM1 D . 13.96 24.37 -8.64
C7 DM1 D . 11.75 24.94 -9.19
C8 DM1 D . 11.27 24.66 -7.92
O8 DM1 D . 12.09 24.24 -6.95
C9 DM1 D . 9.89 24.83 -7.62
C10 DM1 D . 9.45 24.52 -6.19
O10 DM1 D . 10.07 25.55 -5.42
C11 DM1 D . 7.93 24.50 -6.04
C12 DM1 D . 7.29 25.66 -6.80
O12 DM1 D . 7.91 26.85 -6.35
C13 DM1 D . 5.80 25.69 -6.41
O13 DM1 D . 5.05 24.81 -6.76
C14 DM1 D . 5.37 26.85 -5.57
C15 DM1 D . 7.51 25.44 -8.29
C16 DM1 D . 9.00 25.27 -8.59
C17 DM1 D . 9.49 25.54 -9.89
O17 DM1 D . 8.59 25.94 -10.79
C18 DM1 D . 10.85 25.38 -10.18
C19 DM1 D . 11.33 25.67 -11.53
O19 DM1 D . 10.56 26.07 -12.42
C20 DM1 D . 12.77 25.49 -11.85
C21 DM1 D . 17.25 24.20 -10.58
C1' DM1 D . 10.68 25.23 -4.19
C2' DM1 D . 11.39 26.52 -3.77
C3' DM1 D . 10.37 27.61 -3.44
N3' DM1 D . 11.01 28.86 -3.03
C4' DM1 D . 9.43 27.08 -2.36
O4' DM1 D . 10.22 26.83 -1.22
C5' DM1 D . 8.77 25.82 -2.91
O5' DM1 D . 9.74 24.81 -3.24
C6' DM1 D . 7.73 25.21 -1.98
CHA HEM E . -7.72 -16.56 3.52
CHB HEM E . -3.44 -18.94 3.47
CHC HEM E . -3.09 -18.60 8.30
CHD HEM E . -7.74 -17.16 8.42
C1A HEM E . -6.57 -17.18 3.04
C2A HEM E . -6.15 -17.35 1.65
C3A HEM E . -4.96 -18.00 1.65
C4A HEM E . -4.59 -18.27 3.03
CMA HEM E . -4.14 -18.41 0.41
CAA HEM E . -6.89 -16.84 0.38
CBA HEM E . -7.86 -17.84 -0.26
CGA HEM E . -8.37 -17.18 -1.54
O1A HEM E . -8.40 -15.92 -1.65
O2A HEM E . -8.75 -17.93 -2.47
C1B HEM E . -2.92 -18.96 4.75
C2B HEM E . -1.56 -19.28 5.14
C3B HEM E . -1.48 -19.20 6.49
C4B HEM E . -2.78 -18.80 6.97
CMB HEM E . -0.43 -19.66 4.14
CAB HEM E . -0.30 -19.41 7.48
CBB HEM E . 0.98 -19.46 7.14
C1C HEM E . -4.31 -18.18 8.77
C2C HEM E . -4.66 -17.96 10.15
C3C HEM E . -5.94 -17.58 10.21
C4C HEM E . -6.46 -17.51 8.84
CMC HEM E . -3.72 -18.17 11.35
CAC HEM E . -6.64 -17.26 11.56
CBC HEM E . -7.90 -17.64 11.77
C1D HEM E . -8.18 -16.93 7.10
C2D HEM E . -9.54 -16.62 6.65
C3D HEM E . -9.53 -16.44 5.31
C4D HEM E . -8.17 -16.64 4.84
CMD HEM E . -10.78 -16.51 7.58
CAD HEM E . -10.73 -16.10 4.40
CBD HEM E . -10.56 -14.67 3.87
CGD HEM E . -11.68 -14.24 2.92
O1D HEM E . -11.93 -13.01 2.88
O2D HEM E . -12.33 -15.09 2.25
NA HEM E . -5.59 -17.75 3.84
NB HEM E . -3.63 -18.68 5.90
NC HEM E . -5.43 -17.89 7.99
ND HEM E . -7.40 -16.93 5.96
FE HEM E . -5.47 -17.61 5.93
C1 DM1 F . -16.30 -19.41 7.56
C2 DM1 F . -17.45 -19.87 8.16
C3 DM1 F . -17.65 -21.21 8.39
C4 DM1 F . -16.67 -22.14 8.01
O4 DM1 F . -16.84 -23.44 8.23
C5 DM1 F . -15.46 -21.70 7.38
C6 DM1 F . -14.38 -22.63 6.98
O6 DM1 F . -14.51 -23.83 7.16
C7 DM1 F . -13.16 -22.08 6.32
C8 DM1 F . -12.11 -22.92 5.91
O8 DM1 F . -12.18 -24.25 6.07
C9 DM1 F . -10.94 -22.39 5.30
C10 DM1 F . -9.88 -23.39 4.85
O10 DM1 F . -10.48 -24.07 3.74
C11 DM1 F . -8.57 -22.73 4.43
C12 DM1 F . -8.86 -21.49 3.58
O12 DM1 F . -9.67 -21.91 2.50
C13 DM1 F . -7.50 -20.99 3.07
O13 DM1 F . -6.71 -20.44 3.80
C14 DM1 F . -7.23 -21.24 1.61
C15 DM1 F . -9.59 -20.45 4.45
C16 DM1 F . -10.81 -21.04 5.09
C17 DM1 F . -11.86 -20.18 5.51
O17 DM1 F . -11.67 -18.88 5.31
C18 DM1 F . -13.03 -20.68 6.11
C19 DM1 F . -14.10 -19.77 6.53
O19 DM1 F . -14.07 -18.54 6.39
C20 DM1 F . -15.31 -20.32 7.17
C21 DM1 F . -17.97 -23.90 8.96
C1' DM1 F . -10.33 -25.47 3.58
C2' DM1 F . -11.36 -25.93 2.54
C3' DM1 F . -10.91 -25.57 1.12
N3' DM1 F . -11.79 -26.15 0.14
C4' DM1 F . -9.48 -26.04 0.86
O4' DM1 F . -9.49 -27.45 0.94
C5' DM1 F . -8.57 -25.42 1.91
O5' DM1 F . -9.03 -25.81 3.21
C6' DM1 F . -7.12 -25.83 1.78
S SO4 G . 22.76 -36.83 16.01
O1 SO4 G . 21.61 -37.42 15.28
O2 SO4 G . 22.87 -35.37 15.67
O3 SO4 G . 22.53 -36.96 17.49
O4 SO4 G . 24.03 -37.57 15.64
#